data_1R1Z
#
_entry.id   1R1Z
#
_cell.length_a   44.351
_cell.length_b   81.068
_cell.length_c   82.306
_cell.angle_alpha   91.05
_cell.angle_beta   94.14
_cell.angle_gamma   94.99
#
_symmetry.space_group_name_H-M   'P 1'
#
loop_
_entity.id
_entity.type
_entity.pdbx_description
1 polymer 'ERGIC-53 protein'
2 non-polymer 'CALCIUM ION'
3 water water
#
_entity_poly.entity_id   1
_entity_poly.type   'polypeptide(L)'
_entity_poly.pdbx_seq_one_letter_code
;MGSSHHHHHHSSGLVPRGSHMAGTQAELPHRRFEYKYSFKGPHLVQSDGTVPFWAHAGNAIPSADQIRIAPSLKSQRGSV
WTKTKAAFENWEVEVTFRVTGRGRIGADGLAIWYTENQGLDGPVFGSADMWNGVGIFFDSFDNDGKKNNPAIVVVGNNGQ
INYDHQNDGATQALASCQRDFRNKPYPVRAKITYYQKTLTVMINNGFTPDKNDYEFCAKVENMVIPTQGHFGISAATGGL
ADDHDVLSFLTFQLTEPGKEPPT
;
_entity_poly.pdbx_strand_id   A,B,C,D
#
# COMPACT_ATOMS: atom_id res chain seq x y z
N HIS A 7 58.70 -16.29 -9.89
CA HIS A 7 59.78 -15.75 -8.99
C HIS A 7 61.08 -15.54 -9.75
N HIS A 8 61.84 -14.51 -9.35
CA HIS A 8 63.14 -14.15 -9.95
C HIS A 8 62.99 -13.13 -11.11
N HIS A 9 63.68 -12.01 -10.99
CA HIS A 9 63.47 -10.87 -11.91
C HIS A 9 63.84 -11.13 -13.39
N HIS A 10 63.08 -10.52 -14.30
CA HIS A 10 63.32 -10.71 -15.73
C HIS A 10 64.63 -10.16 -16.24
N SER A 11 65.34 -10.98 -17.00
CA SER A 11 66.70 -10.70 -17.43
C SER A 11 66.83 -10.44 -18.95
N SER A 12 65.98 -11.10 -19.75
CA SER A 12 65.99 -10.96 -21.20
C SER A 12 65.30 -9.67 -21.64
N GLY A 13 65.93 -8.54 -21.30
CA GLY A 13 65.38 -7.23 -21.61
C GLY A 13 66.47 -6.18 -21.71
N LEU A 14 66.34 -5.31 -22.70
CA LEU A 14 67.27 -4.18 -22.86
C LEU A 14 67.03 -3.07 -21.85
N VAL A 15 68.00 -2.19 -21.74
CA VAL A 15 67.87 -1.02 -20.87
C VAL A 15 66.80 0.02 -21.31
N PRO A 16 66.65 0.30 -22.62
CA PRO A 16 65.50 1.11 -23.11
C PRO A 16 64.14 0.50 -22.82
N ARG A 17 63.99 -0.81 -23.01
CA ARG A 17 62.73 -1.45 -22.66
C ARG A 17 62.48 -1.47 -21.16
N GLY A 18 63.55 -1.63 -20.38
CA GLY A 18 63.47 -1.53 -18.92
C GLY A 18 62.88 -0.20 -18.51
N SER A 19 63.41 0.88 -19.09
CA SER A 19 62.92 2.24 -18.94
C SER A 19 61.47 2.37 -19.42
N HIS A 20 61.21 1.93 -20.65
CA HIS A 20 59.89 1.88 -21.25
C HIS A 20 58.81 1.21 -20.34
N MET A 21 59.17 0.14 -19.64
CA MET A 21 58.21 -0.57 -18.80
C MET A 21 58.43 -0.32 -17.29
N ALA A 22 59.00 0.85 -16.98
CA ALA A 22 59.40 1.20 -15.60
C ALA A 22 58.25 1.16 -14.60
N GLY A 23 57.13 1.80 -14.95
CA GLY A 23 55.96 1.84 -14.09
C GLY A 23 55.35 0.48 -13.87
N THR A 24 55.68 -0.48 -14.74
CA THR A 24 55.16 -1.83 -14.67
C THR A 24 56.07 -2.75 -13.82
N GLN A 25 57.39 -2.52 -13.83
CA GLN A 25 58.33 -3.34 -13.05
C GLN A 25 58.33 -2.95 -11.56
N ALA A 26 58.19 -1.66 -11.27
CA ALA A 26 58.27 -1.14 -9.91
C ALA A 26 57.00 -1.41 -9.07
N HIS A 30 54.48 -10.80 -4.36
CA HIS A 30 53.16 -11.07 -4.92
C HIS A 30 53.20 -10.87 -6.46
N ARG A 31 53.51 -9.65 -6.95
CA ARG A 31 53.38 -9.37 -8.41
C ARG A 31 54.70 -9.30 -9.20
N ARG A 32 54.80 -10.12 -10.25
CA ARG A 32 56.00 -10.14 -11.10
C ARG A 32 55.65 -9.94 -12.58
N PHE A 33 56.13 -8.82 -13.13
CA PHE A 33 55.80 -8.40 -14.49
C PHE A 33 56.33 -9.38 -15.52
N GLU A 34 55.45 -9.83 -16.41
CA GLU A 34 55.83 -10.77 -17.47
C GLU A 34 55.97 -10.02 -18.80
N TYR A 35 57.12 -9.38 -18.97
CA TYR A 35 57.54 -8.66 -20.16
C TYR A 35 57.24 -9.40 -21.48
N LYS A 36 57.50 -10.71 -21.49
CA LYS A 36 57.38 -11.54 -22.71
C LYS A 36 55.94 -11.84 -23.14
N TYR A 37 54.98 -11.50 -22.30
CA TYR A 37 53.56 -11.73 -22.58
C TYR A 37 52.79 -10.40 -22.55
N SER A 38 53.46 -9.33 -22.91
CA SER A 38 52.92 -7.98 -22.76
C SER A 38 53.20 -7.11 -23.98
N PHE A 39 52.40 -6.06 -24.16
CA PHE A 39 52.71 -4.97 -25.10
C PHE A 39 52.08 -3.66 -24.64
N LYS A 40 52.64 -2.54 -25.12
CA LYS A 40 52.07 -1.21 -24.88
C LYS A 40 52.73 -0.15 -25.74
N GLY A 41 52.06 0.99 -25.90
CA GLY A 41 52.71 2.14 -26.49
C GLY A 41 53.41 2.94 -25.38
N PRO A 42 54.18 3.98 -25.76
CA PRO A 42 54.40 4.37 -27.16
C PRO A 42 55.44 3.47 -27.88
N HIS A 43 55.51 3.57 -29.20
CA HIS A 43 56.33 2.65 -30.02
C HIS A 43 55.94 1.21 -29.76
N LEU A 44 54.63 0.93 -29.81
CA LEU A 44 54.09 -0.40 -29.53
C LEU A 44 54.69 -1.42 -30.51
N VAL A 45 54.93 -0.96 -31.73
CA VAL A 45 55.31 -1.80 -32.83
C VAL A 45 56.77 -1.55 -33.25
N GLN A 46 57.40 -2.56 -33.85
CA GLN A 46 58.82 -2.49 -34.23
C GLN A 46 58.95 -1.95 -35.63
N SER A 47 60.15 -1.52 -36.00
CA SER A 47 60.38 -0.93 -37.32
C SER A 47 59.96 -1.81 -38.52
N ASP A 48 59.70 -3.10 -38.29
CA ASP A 48 59.23 -3.98 -39.36
C ASP A 48 57.71 -4.26 -39.27
N GLY A 49 57.02 -3.59 -38.34
CA GLY A 49 55.59 -3.65 -38.29
C GLY A 49 55.03 -4.68 -37.32
N THR A 50 55.89 -5.47 -36.66
CA THR A 50 55.37 -6.47 -35.74
C THR A 50 55.40 -6.02 -34.29
N VAL A 51 54.57 -6.68 -33.52
CA VAL A 51 54.52 -6.48 -32.08
C VAL A 51 55.42 -7.55 -31.48
N PRO A 52 56.47 -7.15 -30.76
CA PRO A 52 57.43 -8.10 -30.19
C PRO A 52 56.69 -9.09 -29.31
N PHE A 53 56.95 -10.39 -29.49
CA PHE A 53 56.39 -11.50 -28.72
C PHE A 53 54.93 -11.86 -29.05
N TRP A 54 54.33 -11.17 -30.02
CA TRP A 54 52.91 -11.40 -30.38
C TRP A 54 52.66 -11.49 -31.89
N ALA A 55 51.73 -12.34 -32.27
CA ALA A 55 51.29 -12.49 -33.65
C ALA A 55 49.90 -11.87 -33.79
N HIS A 56 49.65 -11.22 -34.91
CA HIS A 56 48.34 -10.66 -35.24
C HIS A 56 47.82 -11.30 -36.54
N ALA A 57 46.50 -11.30 -36.71
CA ALA A 57 45.84 -12.00 -37.82
C ALA A 57 44.54 -11.27 -38.21
N GLY A 58 43.98 -11.63 -39.35
CA GLY A 58 42.73 -11.05 -39.81
C GLY A 58 42.93 -9.59 -40.23
N ASN A 59 41.98 -8.76 -39.81
CA ASN A 59 41.98 -7.34 -40.12
C ASN A 59 42.77 -6.52 -39.08
N ALA A 60 43.41 -7.16 -38.10
CA ALA A 60 44.16 -6.44 -37.08
C ALA A 60 45.36 -5.71 -37.67
N ILE A 61 45.51 -4.43 -37.31
CA ILE A 61 46.64 -3.64 -37.78
C ILE A 61 47.31 -2.90 -36.64
N PRO A 62 48.53 -3.29 -36.30
CA PRO A 62 49.25 -2.64 -35.19
C PRO A 62 49.91 -1.36 -35.65
N SER A 63 49.97 -0.36 -34.80
CA SER A 63 50.78 0.81 -35.10
C SER A 63 51.49 1.27 -33.83
N ALA A 64 52.02 2.48 -33.84
CA ALA A 64 52.86 2.98 -32.76
C ALA A 64 52.16 3.15 -31.42
N ASP A 65 50.88 3.52 -31.48
CA ASP A 65 50.08 3.88 -30.31
C ASP A 65 49.07 2.79 -29.87
N GLN A 66 48.69 1.91 -30.80
CA GLN A 66 47.63 0.94 -30.50
C GLN A 66 47.60 -0.14 -31.57
N ILE A 67 46.85 -1.19 -31.31
CA ILE A 67 46.44 -2.14 -32.31
C ILE A 67 44.95 -1.96 -32.57
N ARG A 68 44.60 -1.54 -33.79
CA ARG A 68 43.22 -1.55 -34.25
C ARG A 68 42.87 -3.00 -34.63
N ILE A 69 42.21 -3.75 -33.73
CA ILE A 69 41.90 -5.16 -33.96
C ILE A 69 40.88 -5.27 -35.10
N ALA A 70 39.82 -4.50 -35.02
CA ALA A 70 38.79 -4.53 -36.02
C ALA A 70 38.33 -3.09 -36.20
N PRO A 71 38.52 -2.57 -37.41
CA PRO A 71 38.11 -1.18 -37.73
C PRO A 71 36.63 -1.16 -38.04
N SER A 72 36.08 0.04 -38.12
CA SER A 72 34.64 0.27 -38.29
C SER A 72 34.13 0.00 -39.74
N LEU A 73 34.64 -1.05 -40.35
CA LEU A 73 33.98 -1.60 -41.53
C LEU A 73 33.07 -2.77 -41.11
N LYS A 74 32.14 -3.14 -41.98
CA LYS A 74 31.27 -4.29 -41.74
C LYS A 74 31.95 -5.66 -41.86
N SER A 75 31.48 -6.62 -41.02
CA SER A 75 31.98 -8.01 -40.98
C SER A 75 33.50 -8.19 -40.98
N GLN A 76 34.16 -7.48 -40.08
CA GLN A 76 35.60 -7.56 -39.86
C GLN A 76 35.91 -8.54 -38.73
N ARG A 77 37.07 -9.20 -38.83
CA ARG A 77 37.60 -10.06 -37.80
C ARG A 77 39.08 -9.79 -37.66
N GLY A 78 39.52 -9.68 -36.41
CA GLY A 78 40.93 -9.56 -36.10
C GLY A 78 41.27 -10.17 -34.75
N SER A 79 42.54 -10.53 -34.57
CA SER A 79 43.05 -11.04 -33.31
C SER A 79 44.56 -10.81 -33.15
N VAL A 80 45.03 -10.90 -31.90
CA VAL A 80 46.45 -10.79 -31.55
C VAL A 80 46.71 -11.88 -30.46
N TRP A 81 47.78 -12.65 -30.60
CA TRP A 81 48.05 -13.77 -29.68
C TRP A 81 49.52 -13.81 -29.29
N THR A 82 49.83 -14.21 -28.06
CA THR A 82 51.20 -14.47 -27.70
C THR A 82 51.80 -15.59 -28.56
N LYS A 83 53.08 -15.46 -28.88
CA LYS A 83 53.74 -16.45 -29.73
C LYS A 83 53.95 -17.79 -29.03
N THR A 84 54.13 -17.74 -27.71
CA THR A 84 54.25 -18.95 -26.91
C THR A 84 53.24 -18.99 -25.76
N LYS A 85 53.13 -20.17 -25.14
CA LYS A 85 52.24 -20.41 -24.03
C LYS A 85 52.86 -19.91 -22.73
N ALA A 86 52.02 -19.45 -21.83
CA ALA A 86 52.42 -19.18 -20.45
C ALA A 86 52.13 -20.40 -19.55
N ALA A 87 52.97 -20.60 -18.54
CA ALA A 87 52.74 -21.66 -17.54
C ALA A 87 52.79 -21.06 -16.14
N PHE A 88 51.72 -20.34 -15.78
CA PHE A 88 51.64 -19.66 -14.49
C PHE A 88 50.51 -20.28 -13.65
N GLU A 89 50.82 -20.58 -12.40
CA GLU A 89 49.81 -21.11 -11.51
C GLU A 89 48.73 -20.04 -11.25
N ASN A 90 49.20 -18.84 -10.94
CA ASN A 90 48.34 -17.69 -10.68
C ASN A 90 48.81 -16.49 -11.56
N TRP A 91 47.88 -15.73 -12.07
CA TRP A 91 48.21 -14.62 -12.95
C TRP A 91 47.15 -13.53 -12.96
N GLU A 92 47.52 -12.41 -13.60
CA GLU A 92 46.71 -11.22 -13.70
C GLU A 92 47.06 -10.45 -14.98
N VAL A 93 46.06 -10.20 -15.81
CA VAL A 93 46.23 -9.37 -16.99
C VAL A 93 45.51 -8.04 -16.80
N GLU A 94 46.13 -6.96 -17.27
CA GLU A 94 45.48 -5.65 -17.31
C GLU A 94 45.46 -5.21 -18.75
N VAL A 95 44.25 -5.14 -19.31
CA VAL A 95 44.05 -4.81 -20.71
C VAL A 95 43.37 -3.43 -20.83
N THR A 96 43.96 -2.54 -21.60
CA THR A 96 43.45 -1.18 -21.83
C THR A 96 42.95 -1.03 -23.28
N PHE A 97 41.70 -0.61 -23.46
CA PHE A 97 41.10 -0.60 -24.77
C PHE A 97 40.06 0.51 -24.97
N ARG A 98 39.63 0.66 -26.22
CA ARG A 98 38.57 1.60 -26.63
C ARG A 98 37.63 0.90 -27.61
N VAL A 99 36.33 1.13 -27.50
CA VAL A 99 35.38 0.66 -28.49
C VAL A 99 34.58 1.89 -28.85
N THR A 100 34.73 2.36 -30.09
CA THR A 100 34.22 3.67 -30.50
C THR A 100 33.39 3.53 -31.75
N GLY A 101 32.22 4.15 -31.74
CA GLY A 101 31.40 4.17 -32.92
C GLY A 101 30.37 5.25 -32.88
N ARG A 102 29.89 5.60 -34.07
CA ARG A 102 28.83 6.59 -34.20
C ARG A 102 27.56 5.92 -33.66
N GLY A 103 26.73 6.68 -32.97
CA GLY A 103 25.51 6.04 -32.46
C GLY A 103 25.63 5.20 -31.22
N ARG A 104 24.49 5.13 -30.54
CA ARG A 104 24.35 4.54 -29.22
C ARG A 104 24.39 3.02 -29.24
N ILE A 105 24.22 2.41 -30.41
CA ILE A 105 24.31 0.96 -30.58
C ILE A 105 25.47 0.60 -31.51
N GLY A 106 26.24 -0.44 -31.14
CA GLY A 106 27.34 -0.95 -31.96
C GLY A 106 27.49 -2.47 -31.87
N ALA A 107 28.45 -3.02 -32.64
CA ALA A 107 28.63 -4.47 -32.79
C ALA A 107 30.05 -4.78 -33.28
N ASP A 108 30.56 -6.00 -33.06
CA ASP A 108 29.95 -7.07 -32.22
C ASP A 108 30.52 -7.04 -30.81
N GLY A 109 31.83 -6.77 -30.73
CA GLY A 109 32.53 -6.64 -29.47
C GLY A 109 33.94 -7.22 -29.51
N LEU A 110 34.52 -7.39 -28.33
CA LEU A 110 35.90 -7.73 -28.13
C LEU A 110 35.99 -8.88 -27.12
N ALA A 111 37.03 -9.71 -27.22
CA ALA A 111 37.21 -10.85 -26.32
C ALA A 111 38.64 -10.96 -25.79
N ILE A 112 38.79 -11.31 -24.52
CA ILE A 112 40.11 -11.59 -23.95
C ILE A 112 40.16 -13.10 -23.62
N TRP A 113 41.26 -13.76 -23.96
CA TRP A 113 41.35 -15.20 -23.96
C TRP A 113 42.55 -15.71 -23.18
N TYR A 114 42.34 -16.80 -22.44
CA TYR A 114 43.43 -17.68 -22.06
C TYR A 114 43.02 -19.07 -22.48
N THR A 115 43.64 -19.55 -23.57
CA THR A 115 43.32 -20.85 -24.15
C THR A 115 44.54 -21.63 -24.54
N GLU A 116 44.34 -22.93 -24.65
CA GLU A 116 45.41 -23.88 -24.91
C GLU A 116 46.10 -23.68 -26.27
N ASN A 117 45.31 -23.41 -27.32
CA ASN A 117 45.81 -23.04 -28.64
C ASN A 117 45.57 -21.58 -28.98
N GLN A 118 46.22 -21.10 -30.05
CA GLN A 118 45.95 -19.78 -30.61
C GLN A 118 44.68 -19.78 -31.46
N GLY A 119 43.73 -18.91 -31.13
CA GLY A 119 42.55 -18.76 -31.96
C GLY A 119 42.73 -17.66 -33.02
N LEU A 120 43.52 -17.93 -34.04
CA LEU A 120 43.83 -16.90 -35.04
C LEU A 120 42.59 -16.27 -35.69
N ASP A 121 41.76 -17.12 -36.30
CA ASP A 121 40.55 -16.68 -36.97
C ASP A 121 39.38 -17.59 -36.60
N GLY A 122 38.20 -17.01 -36.49
CA GLY A 122 36.97 -17.77 -36.42
C GLY A 122 35.77 -16.87 -36.16
N PRO A 123 34.63 -17.50 -35.91
CA PRO A 123 33.35 -16.79 -35.73
C PRO A 123 33.08 -16.26 -34.33
N VAL A 124 34.01 -16.41 -33.38
CA VAL A 124 33.74 -16.00 -32.00
C VAL A 124 34.54 -14.75 -31.65
N PHE A 125 33.89 -13.60 -31.85
CA PHE A 125 34.52 -12.25 -31.71
C PHE A 125 35.89 -12.22 -32.40
N GLY A 126 35.95 -12.85 -33.55
CA GLY A 126 37.16 -12.88 -34.34
C GLY A 126 38.05 -14.07 -34.18
N SER A 127 37.77 -14.92 -33.18
CA SER A 127 38.62 -16.05 -32.83
C SER A 127 37.90 -17.41 -32.94
N ALA A 128 38.67 -18.49 -32.81
CA ALA A 128 38.20 -19.87 -33.00
C ALA A 128 37.12 -20.29 -32.01
N ASP A 129 36.10 -20.97 -32.53
CA ASP A 129 35.12 -21.66 -31.71
C ASP A 129 35.72 -22.93 -31.09
N MET A 130 34.98 -23.55 -30.16
CA MET A 130 35.36 -24.82 -29.52
C MET A 130 36.76 -24.78 -28.91
N TRP A 131 37.01 -23.72 -28.15
CA TRP A 131 38.29 -23.47 -27.54
C TRP A 131 38.44 -24.27 -26.25
N ASN A 132 39.68 -24.39 -25.77
CA ASN A 132 39.94 -25.03 -24.49
C ASN A 132 40.53 -24.01 -23.54
N GLY A 133 39.66 -23.45 -22.68
CA GLY A 133 40.04 -22.46 -21.69
C GLY A 133 38.95 -21.42 -21.47
N VAL A 134 39.35 -20.17 -21.27
CA VAL A 134 38.40 -19.12 -20.90
C VAL A 134 38.38 -17.91 -21.83
N GLY A 135 37.18 -17.52 -22.25
CA GLY A 135 36.98 -16.23 -22.87
C GLY A 135 36.19 -15.27 -22.01
N ILE A 136 36.65 -14.02 -21.93
CA ILE A 136 35.87 -12.96 -21.33
C ILE A 136 35.36 -12.07 -22.47
N PHE A 137 34.03 -12.03 -22.63
CA PHE A 137 33.41 -11.43 -23.81
C PHE A 137 32.78 -10.08 -23.49
N PHE A 138 33.26 -9.06 -24.19
CA PHE A 138 32.73 -7.72 -24.07
C PHE A 138 31.79 -7.54 -25.24
N ASP A 139 30.55 -7.98 -25.02
CA ASP A 139 29.57 -8.13 -26.06
C ASP A 139 28.69 -6.90 -26.15
N SER A 140 28.87 -6.10 -27.21
CA SER A 140 28.11 -4.86 -27.30
C SER A 140 26.73 -4.99 -27.91
N PHE A 141 26.49 -6.03 -28.68
CA PHE A 141 25.20 -6.14 -29.35
C PHE A 141 24.25 -7.18 -28.74
N ASP A 142 22.99 -6.78 -28.57
CA ASP A 142 21.95 -7.59 -27.94
C ASP A 142 21.25 -8.52 -28.93
N ASN A 143 21.88 -9.66 -29.23
CA ASN A 143 21.35 -10.63 -30.19
C ASN A 143 20.03 -11.31 -29.76
N ASP A 144 19.82 -11.46 -28.44
CA ASP A 144 18.57 -12.10 -27.98
C ASP A 144 17.44 -11.13 -27.66
N GLY A 145 17.68 -9.84 -27.81
CA GLY A 145 16.62 -8.85 -27.62
C GLY A 145 16.11 -8.71 -26.18
N LYS A 146 16.94 -9.11 -25.22
CA LYS A 146 16.57 -9.05 -23.80
C LYS A 146 16.98 -7.71 -23.17
N LYS A 147 17.43 -6.75 -24.00
CA LYS A 147 17.73 -5.36 -23.58
C LYS A 147 18.76 -5.28 -22.45
N ASN A 148 19.84 -6.04 -22.57
CA ASN A 148 20.82 -6.16 -21.49
C ASN A 148 22.26 -6.15 -22.03
N ASN A 149 22.51 -5.28 -22.99
CA ASN A 149 23.85 -5.07 -23.54
C ASN A 149 24.13 -3.57 -23.54
N PRO A 150 25.40 -3.15 -23.60
CA PRO A 150 26.58 -4.03 -23.57
C PRO A 150 26.74 -4.86 -22.29
N ALA A 151 27.38 -6.03 -22.39
CA ALA A 151 27.54 -6.93 -21.23
C ALA A 151 28.91 -7.59 -21.24
N ILE A 152 29.35 -8.01 -20.06
CA ILE A 152 30.61 -8.72 -19.96
C ILE A 152 30.28 -10.12 -19.49
N VAL A 153 30.66 -11.13 -20.28
CA VAL A 153 30.33 -12.50 -19.93
C VAL A 153 31.54 -13.46 -19.96
N VAL A 154 31.64 -14.27 -18.91
CA VAL A 154 32.74 -15.22 -18.76
C VAL A 154 32.28 -16.58 -19.24
N VAL A 155 32.97 -17.11 -20.26
CA VAL A 155 32.58 -18.39 -20.87
C VAL A 155 33.75 -19.37 -20.88
N GLY A 156 33.62 -20.47 -20.10
CA GLY A 156 34.62 -21.50 -20.10
C GLY A 156 34.27 -22.52 -21.17
N ASN A 157 35.28 -23.23 -21.65
CA ASN A 157 35.08 -24.24 -22.68
C ASN A 157 36.18 -25.29 -22.58
N ASN A 158 35.90 -26.50 -23.03
CA ASN A 158 36.85 -27.61 -22.95
C ASN A 158 36.98 -28.27 -24.31
N GLY A 159 36.69 -27.53 -25.36
CA GLY A 159 36.75 -28.02 -26.74
C GLY A 159 35.45 -28.61 -27.26
N GLN A 160 34.42 -28.65 -26.43
CA GLN A 160 33.17 -29.32 -26.79
C GLN A 160 32.06 -28.38 -27.23
N ILE A 161 32.05 -27.15 -26.72
CA ILE A 161 30.91 -26.25 -26.89
C ILE A 161 31.04 -25.30 -28.11
N ASN A 162 29.95 -25.18 -28.87
CA ASN A 162 29.83 -24.13 -29.86
C ASN A 162 29.17 -22.89 -29.23
N TYR A 163 29.89 -21.77 -29.27
CA TYR A 163 29.40 -20.55 -28.65
C TYR A 163 28.04 -20.14 -29.20
N ASP A 164 27.08 -19.96 -28.28
CA ASP A 164 25.74 -19.54 -28.66
C ASP A 164 25.63 -18.00 -28.86
N HIS A 165 26.00 -17.54 -30.06
CA HIS A 165 26.03 -16.11 -30.46
C HIS A 165 24.67 -15.47 -30.31
N GLN A 166 23.63 -16.20 -30.72
CA GLN A 166 22.26 -15.69 -30.78
C GLN A 166 21.63 -15.39 -29.41
N ASN A 167 22.11 -16.06 -28.36
CA ASN A 167 21.65 -15.77 -27.00
C ASN A 167 22.65 -14.95 -26.19
N ASP A 168 23.66 -14.40 -26.87
CA ASP A 168 24.76 -13.69 -26.24
C ASP A 168 25.48 -14.54 -25.20
N GLY A 169 25.61 -15.82 -25.51
CA GLY A 169 26.23 -16.77 -24.61
C GLY A 169 25.60 -16.94 -23.23
N ALA A 170 24.36 -16.49 -23.05
CA ALA A 170 23.67 -16.52 -21.75
C ALA A 170 23.48 -17.92 -21.17
N THR A 171 23.30 -18.91 -22.04
CA THR A 171 23.02 -20.27 -21.60
C THR A 171 24.31 -21.00 -21.23
N GLN A 172 25.45 -20.41 -21.58
CA GLN A 172 26.74 -21.05 -21.39
C GLN A 172 27.65 -20.28 -20.43
N ALA A 173 27.20 -19.12 -19.98
CA ALA A 173 28.05 -18.23 -19.22
C ALA A 173 28.19 -18.72 -17.77
N LEU A 174 29.41 -18.67 -17.25
CA LEU A 174 29.65 -18.97 -15.82
C LEU A 174 29.36 -17.77 -14.93
N ALA A 175 29.57 -16.56 -15.46
CA ALA A 175 29.34 -15.31 -14.74
C ALA A 175 29.23 -14.19 -15.77
N SER A 176 28.61 -13.09 -15.39
CA SER A 176 28.35 -11.97 -16.29
C SER A 176 27.99 -10.70 -15.51
N CYS A 177 28.19 -9.54 -16.16
CA CYS A 177 27.74 -8.25 -15.63
C CYS A 177 27.42 -7.30 -16.78
N GLN A 178 26.49 -6.39 -16.55
CA GLN A 178 26.11 -5.38 -17.52
C GLN A 178 26.87 -4.09 -17.29
N ARG A 179 27.78 -3.75 -18.21
CA ARG A 179 28.56 -2.50 -18.16
C ARG A 179 28.75 -1.95 -19.56
N ASP A 180 28.49 -0.66 -19.75
CA ASP A 180 28.66 0.00 -21.04
C ASP A 180 30.10 0.46 -21.18
N PHE A 181 30.87 -0.27 -21.97
CA PHE A 181 32.25 0.06 -22.20
C PHE A 181 32.48 0.89 -23.52
N ARG A 182 31.41 1.33 -24.17
CA ARG A 182 31.49 2.02 -25.46
C ARG A 182 31.51 3.54 -25.34
N ASN A 183 32.29 4.18 -26.20
CA ASN A 183 32.29 5.64 -26.38
C ASN A 183 32.59 6.44 -25.09
N LYS A 184 33.65 6.03 -24.40
CA LYS A 184 33.99 6.60 -23.11
C LYS A 184 35.07 7.67 -23.24
N PRO A 185 35.01 8.72 -22.41
CA PRO A 185 36.00 9.82 -22.51
C PRO A 185 37.45 9.32 -22.37
N TYR A 186 37.67 8.35 -21.49
CA TYR A 186 39.02 7.83 -21.28
C TYR A 186 39.01 6.37 -21.67
N PRO A 187 40.19 5.78 -21.92
CA PRO A 187 40.25 4.34 -22.22
C PRO A 187 39.66 3.46 -21.10
N VAL A 188 38.99 2.39 -21.50
CA VAL A 188 38.41 1.41 -20.57
C VAL A 188 39.48 0.37 -20.21
N ARG A 189 39.44 -0.15 -18.98
CA ARG A 189 40.42 -1.13 -18.53
C ARG A 189 39.77 -2.31 -17.85
N ALA A 190 40.27 -3.49 -18.18
CA ALA A 190 39.78 -4.70 -17.57
C ALA A 190 40.93 -5.39 -16.88
N LYS A 191 40.73 -5.78 -15.63
CA LYS A 191 41.74 -6.55 -14.93
C LYS A 191 41.18 -7.94 -14.64
N ILE A 192 41.86 -8.95 -15.15
CA ILE A 192 41.43 -10.32 -15.02
C ILE A 192 42.49 -11.09 -14.23
N THR A 193 42.06 -11.68 -13.12
CA THR A 193 42.93 -12.32 -12.15
C THR A 193 42.55 -13.79 -11.98
N TYR A 194 43.54 -14.66 -12.11
CA TYR A 194 43.36 -16.05 -11.79
C TYR A 194 44.22 -16.36 -10.58
N TYR A 195 43.58 -16.61 -9.44
CA TYR A 195 44.30 -16.75 -8.18
C TYR A 195 43.64 -17.77 -7.24
N GLN A 196 44.42 -18.74 -6.81
CA GLN A 196 43.96 -19.86 -5.98
C GLN A 196 42.62 -20.41 -6.47
N LYS A 197 42.57 -20.74 -7.77
CA LYS A 197 41.41 -21.34 -8.43
C LYS A 197 40.25 -20.37 -8.68
N THR A 198 40.39 -19.09 -8.31
CA THR A 198 39.34 -18.08 -8.51
C THR A 198 39.64 -17.12 -9.69
N LEU A 199 38.69 -17.00 -10.61
CA LEU A 199 38.78 -16.00 -11.70
C LEU A 199 37.94 -14.75 -11.37
N THR A 200 38.59 -13.59 -11.35
CA THR A 200 37.94 -12.31 -11.07
C THR A 200 38.05 -11.30 -12.26
N VAL A 201 36.94 -10.64 -12.59
CA VAL A 201 36.95 -9.53 -13.54
C VAL A 201 36.61 -8.22 -12.83
N MET A 202 37.49 -7.21 -12.97
CA MET A 202 37.27 -5.84 -12.48
C MET A 202 37.33 -4.87 -13.68
N ILE A 203 36.46 -3.88 -13.69
CA ILE A 203 36.42 -2.95 -14.79
C ILE A 203 36.64 -1.52 -14.31
N ASN A 204 37.53 -0.80 -15.01
CA ASN A 204 37.67 0.65 -14.90
C ASN A 204 36.94 1.18 -16.13
N ASN A 205 35.78 1.79 -15.92
CA ASN A 205 34.87 2.16 -17.01
C ASN A 205 35.22 3.43 -17.82
N GLY A 206 36.35 4.05 -17.53
CA GLY A 206 36.83 5.17 -18.29
C GLY A 206 36.13 6.51 -18.16
N PHE A 207 35.54 6.78 -16.99
CA PHE A 207 34.97 8.10 -16.72
C PHE A 207 35.96 9.05 -16.10
N THR A 208 37.05 8.50 -15.60
CA THR A 208 37.99 9.22 -14.78
C THR A 208 39.39 9.13 -15.36
N PRO A 209 40.23 10.16 -15.14
CA PRO A 209 41.65 10.08 -15.48
C PRO A 209 42.43 9.04 -14.65
N ASP A 210 41.85 8.56 -13.55
CA ASP A 210 42.55 7.62 -12.66
C ASP A 210 42.56 6.21 -13.19
N LYS A 211 43.76 5.69 -13.44
CA LYS A 211 43.92 4.39 -14.06
C LYS A 211 43.65 3.18 -13.15
N ASN A 212 43.54 3.43 -11.84
CA ASN A 212 43.31 2.35 -10.87
C ASN A 212 41.89 2.35 -10.25
N ASP A 213 40.96 3.04 -10.89
CA ASP A 213 39.59 3.15 -10.39
C ASP A 213 38.78 1.93 -10.87
N TYR A 214 39.07 0.78 -10.28
CA TYR A 214 38.47 -0.49 -10.69
C TYR A 214 37.23 -0.82 -9.88
N GLU A 215 36.21 -1.31 -10.55
CA GLU A 215 34.99 -1.76 -9.88
C GLU A 215 34.74 -3.22 -10.19
N PHE A 216 34.34 -3.98 -9.18
CA PHE A 216 34.04 -5.41 -9.31
C PHE A 216 32.98 -5.65 -10.37
N CYS A 217 33.18 -6.67 -11.19
CA CYS A 217 32.22 -7.00 -12.22
C CYS A 217 31.69 -8.43 -12.04
N ALA A 218 32.57 -9.43 -12.09
CA ALA A 218 32.17 -10.84 -11.95
C ALA A 218 33.27 -11.72 -11.37
N LYS A 219 32.88 -12.88 -10.86
CA LYS A 219 33.81 -13.81 -10.24
C LYS A 219 33.34 -15.26 -10.48
N VAL A 220 34.29 -16.14 -10.79
CA VAL A 220 34.01 -17.57 -10.82
C VAL A 220 34.94 -18.32 -9.87
N GLU A 221 34.37 -18.86 -8.79
CA GLU A 221 35.15 -19.58 -7.78
C GLU A 221 35.42 -21.01 -8.22
N ASN A 222 36.57 -21.54 -7.80
CA ASN A 222 36.98 -22.92 -8.10
C ASN A 222 36.87 -23.30 -9.59
N MET A 223 37.28 -22.39 -10.48
CA MET A 223 37.29 -22.65 -11.91
C MET A 223 38.55 -23.43 -12.32
N VAL A 224 38.38 -24.42 -13.20
CA VAL A 224 39.54 -25.06 -13.82
C VAL A 224 39.82 -24.56 -15.23
N ILE A 225 41.11 -24.39 -15.52
CA ILE A 225 41.61 -23.91 -16.80
C ILE A 225 42.86 -24.71 -17.11
N PRO A 226 43.29 -24.77 -18.38
CA PRO A 226 44.48 -25.55 -18.74
C PRO A 226 45.73 -25.06 -18.01
N THR A 227 46.71 -25.94 -17.79
CA THR A 227 47.95 -25.59 -17.08
C THR A 227 48.89 -24.73 -17.91
N GLN A 228 48.68 -24.74 -19.24
CA GLN A 228 49.47 -23.95 -20.19
C GLN A 228 48.55 -23.39 -21.25
N GLY A 229 48.74 -22.12 -21.61
CA GLY A 229 47.94 -21.50 -22.62
C GLY A 229 48.52 -20.22 -23.21
N HIS A 230 47.95 -19.82 -24.34
CA HIS A 230 48.24 -18.52 -24.92
C HIS A 230 47.29 -17.49 -24.37
N PHE A 231 47.77 -16.26 -24.20
CA PHE A 231 46.88 -15.13 -23.97
C PHE A 231 46.58 -14.53 -25.32
N GLY A 232 45.38 -13.95 -25.47
CA GLY A 232 44.94 -13.40 -26.72
C GLY A 232 43.89 -12.33 -26.57
N ILE A 233 43.74 -11.52 -27.64
CA ILE A 233 42.64 -10.57 -27.71
C ILE A 233 42.13 -10.46 -29.14
N SER A 234 40.81 -10.41 -29.29
CA SER A 234 40.18 -10.45 -30.63
C SER A 234 38.94 -9.59 -30.65
N ALA A 235 38.51 -9.23 -31.86
CA ALA A 235 37.27 -8.48 -32.01
C ALA A 235 36.66 -8.76 -33.37
N ALA A 236 35.40 -8.35 -33.55
CA ALA A 236 34.67 -8.52 -34.78
C ALA A 236 33.62 -7.40 -34.91
N THR A 237 33.20 -7.11 -36.15
CA THR A 237 32.08 -6.24 -36.42
C THR A 237 31.00 -7.03 -37.15
N GLY A 238 29.75 -6.54 -37.09
CA GLY A 238 28.68 -7.09 -37.91
C GLY A 238 28.12 -6.05 -38.87
N GLY A 239 26.81 -5.84 -38.81
CA GLY A 239 26.13 -4.83 -39.61
C GLY A 239 26.48 -3.44 -39.13
N LEU A 240 26.42 -3.26 -37.83
CA LEU A 240 26.92 -2.04 -37.21
C LEU A 240 28.38 -2.34 -36.92
N ALA A 241 29.20 -1.29 -36.94
CA ALA A 241 30.64 -1.46 -36.82
C ALA A 241 31.24 -0.38 -35.94
N ASP A 242 31.90 -0.81 -34.87
CA ASP A 242 32.72 0.05 -34.02
C ASP A 242 34.19 -0.15 -34.39
N ASP A 243 35.00 0.86 -34.11
CA ASP A 243 36.44 0.64 -34.00
C ASP A 243 36.79 -0.04 -32.66
N HIS A 244 37.54 -1.14 -32.74
CA HIS A 244 37.97 -1.82 -31.54
C HIS A 244 39.50 -1.73 -31.47
N ASP A 245 39.99 -0.96 -30.52
CA ASP A 245 41.41 -0.71 -30.31
C ASP A 245 41.92 -1.18 -28.94
N VAL A 246 43.06 -1.86 -28.91
CA VAL A 246 43.75 -2.17 -27.67
C VAL A 246 45.03 -1.33 -27.54
N LEU A 247 45.15 -0.59 -26.45
CA LEU A 247 46.31 0.25 -26.18
C LEU A 247 47.43 -0.51 -25.47
N SER A 248 47.09 -1.48 -24.63
CA SER A 248 48.11 -2.24 -23.90
C SER A 248 47.56 -3.54 -23.33
N PHE A 249 48.43 -4.53 -23.18
CA PHE A 249 48.07 -5.81 -22.59
C PHE A 249 49.23 -6.13 -21.67
N LEU A 250 49.01 -6.12 -20.36
CA LEU A 250 50.11 -6.25 -19.39
C LEU A 250 49.88 -7.48 -18.50
N THR A 251 50.83 -8.42 -18.55
CA THR A 251 50.69 -9.66 -17.82
C THR A 251 51.57 -9.68 -16.58
N PHE A 252 51.04 -10.26 -15.51
CA PHE A 252 51.76 -10.41 -14.26
C PHE A 252 51.59 -11.85 -13.73
N GLN A 253 52.65 -12.40 -13.16
CA GLN A 253 52.56 -13.71 -12.53
C GLN A 253 52.53 -13.48 -11.04
N LEU A 254 51.60 -14.17 -10.38
CA LEU A 254 51.34 -14.01 -8.93
C LEU A 254 51.85 -15.20 -8.11
N THR A 255 52.43 -14.93 -6.95
CA THR A 255 52.96 -16.03 -6.13
C THR A 255 52.29 -16.14 -4.75
N GLU A 256 52.16 -17.37 -4.25
CA GLU A 256 51.66 -17.72 -2.90
C GLU A 256 50.15 -17.53 -2.83
N HIS B 7 -30.79 24.32 32.73
CA HIS B 7 -31.69 25.36 33.31
C HIS B 7 -30.89 26.43 34.03
N HIS B 8 -31.41 27.66 34.04
CA HIS B 8 -30.85 28.83 34.73
C HIS B 8 -29.87 29.60 33.82
N HIS B 9 -30.11 30.90 33.68
CA HIS B 9 -29.42 31.71 32.65
C HIS B 9 -27.91 31.87 32.87
N HIS B 10 -27.16 31.96 31.78
CA HIS B 10 -25.70 32.08 31.88
C HIS B 10 -25.23 33.41 32.44
N SER B 11 -24.30 33.33 33.38
CA SER B 11 -23.86 34.46 34.20
C SER B 11 -22.40 34.84 33.95
N SER B 12 -21.56 33.89 33.53
CA SER B 12 -20.14 34.14 33.30
C SER B 12 -19.92 34.70 31.90
N GLY B 13 -20.42 35.92 31.69
CA GLY B 13 -20.39 36.57 30.40
C GLY B 13 -20.38 38.08 30.57
N LEU B 14 -19.54 38.75 29.80
CA LEU B 14 -19.52 40.23 29.78
C LEU B 14 -20.70 40.80 29.01
N VAL B 15 -20.95 42.08 29.23
CA VAL B 15 -21.98 42.81 28.51
C VAL B 15 -21.74 42.90 26.96
N PRO B 16 -20.51 43.14 26.49
CA PRO B 16 -20.24 43.07 25.03
C PRO B 16 -20.50 41.72 24.39
N ARG B 17 -20.19 40.63 25.09
CA ARG B 17 -20.44 39.30 24.56
C ARG B 17 -21.94 38.95 24.64
N GLY B 18 -22.60 39.46 25.67
CA GLY B 18 -24.06 39.40 25.74
C GLY B 18 -24.68 40.02 24.50
N SER B 19 -24.21 41.22 24.15
CA SER B 19 -24.62 41.94 22.96
C SER B 19 -24.27 41.15 21.70
N HIS B 20 -23.01 40.79 21.58
CA HIS B 20 -22.47 39.94 20.54
C HIS B 20 -23.34 38.70 20.27
N MET B 21 -23.80 38.00 21.32
CA MET B 21 -24.55 36.76 21.16
C MET B 21 -26.07 36.98 21.38
N ALA B 22 -26.54 38.20 21.10
CA ALA B 22 -27.94 38.60 21.38
C ALA B 22 -28.97 37.70 20.69
N GLY B 23 -28.81 37.50 19.38
CA GLY B 23 -29.72 36.69 18.59
C GLY B 23 -29.77 35.24 19.03
N THR B 24 -28.75 34.82 19.77
CA THR B 24 -28.61 33.45 20.23
C THR B 24 -29.23 33.24 21.63
N GLN B 25 -29.21 34.28 22.47
CA GLN B 25 -29.80 34.18 23.81
C GLN B 25 -31.32 34.33 23.77
N ALA B 26 -31.80 35.21 22.88
CA ALA B 26 -33.24 35.54 22.82
C ALA B 26 -34.08 34.45 22.14
N HIS B 30 -37.01 25.17 27.12
CA HIS B 30 -36.56 24.15 26.20
C HIS B 30 -35.09 24.42 25.83
N ARG B 31 -34.82 25.47 25.07
CA ARG B 31 -33.45 25.71 24.60
C ARG B 31 -32.70 26.75 25.44
N ARG B 32 -31.51 26.40 25.90
CA ARG B 32 -30.64 27.33 26.64
C ARG B 32 -29.29 27.41 25.96
N PHE B 33 -28.94 28.62 25.54
CA PHE B 33 -27.67 28.86 24.86
C PHE B 33 -26.46 28.56 25.74
N GLU B 34 -25.55 27.73 25.24
CA GLU B 34 -24.35 27.37 25.98
C GLU B 34 -23.13 28.10 25.42
N TYR B 35 -23.06 29.36 25.82
CA TYR B 35 -21.98 30.29 25.52
C TYR B 35 -20.57 29.69 25.60
N LYS B 36 -20.34 28.85 26.62
CA LYS B 36 -19.01 28.25 26.88
C LYS B 36 -18.63 27.10 25.93
N TYR B 37 -19.57 26.65 25.13
CA TYR B 37 -19.28 25.61 24.14
C TYR B 37 -19.54 26.12 22.70
N SER B 38 -19.27 27.41 22.47
CA SER B 38 -19.70 28.06 21.24
C SER B 38 -18.66 29.04 20.73
N PHE B 39 -18.73 29.36 19.44
CA PHE B 39 -17.93 30.45 18.86
C PHE B 39 -18.61 30.99 17.62
N LYS B 40 -18.35 32.26 17.28
CA LYS B 40 -18.81 32.85 16.01
C LYS B 40 -18.08 34.16 15.66
N GLY B 41 -18.15 34.56 14.39
CA GLY B 41 -17.75 35.89 13.95
C GLY B 41 -18.89 36.86 14.17
N PRO B 42 -18.67 38.17 14.08
CA PRO B 42 -17.33 38.75 13.83
C PRO B 42 -16.46 38.77 15.09
N HIS B 43 -15.17 39.08 14.95
CA HIS B 43 -14.22 39.01 16.08
C HIS B 43 -14.26 37.60 16.71
N LEU B 44 -14.17 36.57 15.86
CA LEU B 44 -14.25 35.19 16.35
C LEU B 44 -13.11 34.90 17.32
N VAL B 45 -11.98 35.55 17.05
CA VAL B 45 -10.74 35.26 17.75
C VAL B 45 -10.40 36.44 18.68
N GLN B 46 -9.63 36.16 19.72
CA GLN B 46 -9.11 37.15 20.65
C GLN B 46 -7.81 37.77 20.14
N SER B 47 -7.39 38.86 20.78
CA SER B 47 -6.19 39.60 20.40
C SER B 47 -4.90 38.78 20.46
N ASP B 48 -4.96 37.64 21.15
CA ASP B 48 -3.81 36.74 21.20
C ASP B 48 -3.90 35.60 20.20
N GLY B 49 -4.93 35.64 19.34
CA GLY B 49 -5.11 34.65 18.29
C GLY B 49 -5.90 33.41 18.65
N THR B 50 -6.39 33.29 19.89
CA THR B 50 -7.11 32.06 20.28
C THR B 50 -8.62 32.28 20.24
N VAL B 51 -9.35 31.20 20.03
CA VAL B 51 -10.78 31.17 20.13
C VAL B 51 -11.11 30.88 21.58
N PRO B 52 -11.88 31.75 22.24
CA PRO B 52 -12.20 31.56 23.63
C PRO B 52 -12.92 30.22 23.82
N PHE B 53 -12.52 29.47 24.85
CA PHE B 53 -13.16 28.18 25.23
C PHE B 53 -12.85 27.01 24.29
N TRP B 54 -12.05 27.23 23.23
CA TRP B 54 -11.72 26.17 22.26
C TRP B 54 -10.21 26.07 21.94
N ALA B 55 -9.75 24.86 21.67
CA ALA B 55 -8.36 24.59 21.27
C ALA B 55 -8.34 24.13 19.83
N HIS B 56 -7.35 24.58 19.06
CA HIS B 56 -7.24 24.20 17.65
C HIS B 56 -5.92 23.48 17.45
N ALA B 57 -5.86 22.60 16.45
CA ALA B 57 -4.68 21.75 16.22
C ALA B 57 -4.47 21.52 14.73
N GLY B 58 -3.30 20.94 14.39
CA GLY B 58 -2.94 20.65 13.02
C GLY B 58 -2.79 21.92 12.19
N ASN B 59 -3.38 21.90 10.99
CA ASN B 59 -3.31 23.01 10.06
C ASN B 59 -4.46 24.02 10.27
N ALA B 60 -5.25 23.84 11.30
CA ALA B 60 -6.36 24.80 11.56
C ALA B 60 -5.83 26.20 11.90
N ILE B 61 -6.37 27.22 11.24
CA ILE B 61 -6.01 28.61 11.56
C ILE B 61 -7.28 29.45 11.80
N PRO B 62 -7.47 29.89 13.03
CA PRO B 62 -8.58 30.79 13.33
C PRO B 62 -8.27 32.23 12.97
N SER B 63 -9.26 32.99 12.57
CA SER B 63 -9.11 34.42 12.34
C SER B 63 -10.42 35.12 12.75
N ALA B 64 -10.55 36.40 12.43
CA ALA B 64 -11.67 37.24 12.89
C ALA B 64 -13.03 36.77 12.37
N ASP B 65 -13.06 36.27 11.14
CA ASP B 65 -14.31 35.92 10.46
C ASP B 65 -14.63 34.40 10.43
N GLN B 66 -13.60 33.56 10.56
CA GLN B 66 -13.79 32.12 10.44
C GLN B 66 -12.58 31.37 10.95
N ILE B 67 -12.75 30.06 11.11
CA ILE B 67 -11.61 29.16 11.26
C ILE B 67 -11.44 28.35 9.99
N ARG B 68 -10.29 28.48 9.36
CA ARG B 68 -9.95 27.66 8.20
C ARG B 68 -9.35 26.40 8.79
N ILE B 69 -10.16 25.34 8.86
CA ILE B 69 -9.74 24.09 9.49
C ILE B 69 -8.69 23.38 8.63
N ALA B 70 -8.95 23.34 7.33
CA ALA B 70 -7.98 22.76 6.40
C ALA B 70 -8.03 23.55 5.09
N PRO B 71 -6.94 24.25 4.78
CA PRO B 71 -6.86 25.06 3.55
C PRO B 71 -6.69 24.14 2.35
N SER B 72 -6.82 24.71 1.15
CA SER B 72 -6.78 23.95 -0.09
C SER B 72 -5.34 23.61 -0.49
N LEU B 73 -4.54 23.10 0.44
CA LEU B 73 -3.28 22.45 0.10
C LEU B 73 -3.52 20.95 0.24
N LYS B 74 -2.63 20.15 -0.33
CA LYS B 74 -2.76 18.70 -0.28
C LYS B 74 -2.39 18.13 1.08
N SER B 75 -3.04 17.03 1.45
CA SER B 75 -2.80 16.28 2.69
C SER B 75 -2.69 17.15 3.93
N GLN B 76 -3.71 17.96 4.15
CA GLN B 76 -3.85 18.76 5.35
C GLN B 76 -4.76 18.08 6.37
N ARG B 77 -4.49 18.35 7.65
CA ARG B 77 -5.34 17.95 8.76
C ARG B 77 -5.46 19.05 9.76
N GLY B 78 -6.67 19.33 10.21
CA GLY B 78 -6.85 20.29 11.27
C GLY B 78 -8.09 19.99 12.08
N SER B 79 -8.15 20.53 13.30
CA SER B 79 -9.30 20.33 14.15
C SER B 79 -9.42 21.43 15.21
N VAL B 80 -10.63 21.57 15.77
CA VAL B 80 -10.97 22.52 16.82
C VAL B 80 -11.83 21.78 17.82
N TRP B 81 -11.49 21.90 19.12
CA TRP B 81 -12.19 21.16 20.21
C TRP B 81 -12.50 22.06 21.44
N THR B 82 -13.67 21.88 22.04
CA THR B 82 -13.91 22.51 23.35
C THR B 82 -12.85 22.08 24.38
N LYS B 83 -12.45 23.03 25.23
CA LYS B 83 -11.39 22.78 26.19
C LYS B 83 -11.88 21.88 27.33
N THR B 84 -13.16 21.96 27.65
CA THR B 84 -13.76 21.01 28.61
C THR B 84 -14.92 20.21 28.02
N LYS B 85 -15.38 19.22 28.81
CA LYS B 85 -16.51 18.37 28.45
C LYS B 85 -17.84 19.04 28.77
N ALA B 86 -18.85 18.73 27.96
CA ALA B 86 -20.23 19.07 28.28
C ALA B 86 -20.90 17.89 28.99
N ALA B 87 -21.83 18.20 29.90
CA ALA B 87 -22.67 17.19 30.49
C ALA B 87 -24.14 17.59 30.32
N PHE B 88 -24.67 17.37 29.12
CA PHE B 88 -26.04 17.71 28.81
C PHE B 88 -26.78 16.43 28.48
N GLU B 89 -27.95 16.22 29.10
CA GLU B 89 -28.81 15.09 28.78
C GLU B 89 -29.26 15.21 27.31
N ASN B 90 -29.79 16.39 26.98
CA ASN B 90 -30.27 16.68 25.63
C ASN B 90 -29.57 17.94 25.10
N TRP B 91 -29.21 17.93 23.83
CA TRP B 91 -28.52 19.08 23.23
C TRP B 91 -28.75 19.26 21.73
N GLU B 92 -28.33 20.43 21.24
CA GLU B 92 -28.46 20.79 19.84
C GLU B 92 -27.31 21.70 19.47
N VAL B 93 -26.57 21.32 18.42
CA VAL B 93 -25.55 22.19 17.85
C VAL B 93 -25.99 22.69 16.47
N GLU B 94 -25.65 23.94 16.16
CA GLU B 94 -25.90 24.53 14.85
C GLU B 94 -24.54 25.02 14.36
N VAL B 95 -24.00 24.32 13.36
CA VAL B 95 -22.69 24.57 12.79
C VAL B 95 -22.85 25.16 11.37
N THR B 96 -22.19 26.30 11.11
CA THR B 96 -22.27 27.03 9.83
C THR B 96 -20.91 26.93 9.15
N PHE B 97 -20.87 26.49 7.89
CA PHE B 97 -19.58 26.25 7.25
C PHE B 97 -19.60 26.44 5.74
N ARG B 98 -18.41 26.45 5.15
CA ARG B 98 -18.22 26.47 3.69
C ARG B 98 -17.17 25.45 3.30
N VAL B 99 -17.41 24.74 2.20
CA VAL B 99 -16.43 23.86 1.59
C VAL B 99 -16.28 24.35 0.16
N THR B 100 -15.12 24.93 -0.15
CA THR B 100 -14.92 25.57 -1.45
C THR B 100 -13.71 25.02 -2.18
N GLY B 101 -13.90 24.67 -3.45
CA GLY B 101 -12.81 24.22 -4.28
C GLY B 101 -13.04 24.48 -5.76
N ARG B 102 -11.95 24.58 -6.52
CA ARG B 102 -12.07 24.65 -7.95
C ARG B 102 -12.53 23.28 -8.46
N GLY B 103 -13.46 23.26 -9.39
CA GLY B 103 -13.93 21.98 -9.88
C GLY B 103 -15.00 21.28 -9.07
N ARG B 104 -15.68 20.37 -9.77
CA ARG B 104 -16.90 19.73 -9.33
C ARG B 104 -16.65 18.57 -8.35
N ILE B 105 -15.39 18.14 -8.25
CA ILE B 105 -14.97 17.12 -7.30
C ILE B 105 -13.92 17.68 -6.31
N GLY B 106 -14.11 17.40 -5.01
CA GLY B 106 -13.15 17.77 -3.98
C GLY B 106 -12.98 16.71 -2.90
N ALA B 107 -12.13 17.00 -1.91
CA ALA B 107 -11.71 16.01 -0.90
C ALA B 107 -11.12 16.73 0.33
N ASP B 108 -11.11 16.11 1.52
CA ASP B 108 -11.76 14.82 1.79
C ASP B 108 -13.13 15.09 2.40
N GLY B 109 -13.20 16.11 3.25
CA GLY B 109 -14.44 16.50 3.88
C GLY B 109 -14.24 17.00 5.30
N LEU B 110 -15.35 17.14 5.99
CA LEU B 110 -15.40 17.74 7.30
C LEU B 110 -16.15 16.80 8.25
N ALA B 111 -15.80 16.81 9.54
CA ALA B 111 -16.55 16.05 10.55
C ALA B 111 -16.98 16.87 11.78
N ILE B 112 -18.21 16.67 12.24
CA ILE B 112 -18.66 17.16 13.54
C ILE B 112 -18.72 16.02 14.60
N TRP B 113 -18.20 16.29 15.79
CA TRP B 113 -17.95 15.29 16.82
C TRP B 113 -18.58 15.58 18.20
N TYR B 114 -19.09 14.52 18.82
CA TYR B 114 -19.32 14.53 20.26
C TYR B 114 -18.68 13.27 20.78
N THR B 115 -17.49 13.42 21.36
CA THR B 115 -16.75 12.27 21.86
C THR B 115 -16.18 12.47 23.25
N GLU B 116 -15.87 11.37 23.90
CA GLU B 116 -15.39 11.39 25.26
C GLU B 116 -14.03 12.10 25.44
N ASN B 117 -13.11 11.87 24.51
CA ASN B 117 -11.84 12.57 24.49
C ASN B 117 -11.76 13.58 23.33
N GLN B 118 -10.77 14.48 23.40
CA GLN B 118 -10.41 15.36 22.27
C GLN B 118 -9.63 14.60 21.20
N GLY B 119 -10.15 14.58 19.96
CA GLY B 119 -9.42 13.98 18.85
C GLY B 119 -8.60 15.04 18.11
N LEU B 120 -7.48 15.42 18.71
CA LEU B 120 -6.66 16.52 18.20
C LEU B 120 -6.17 16.28 16.77
N ASP B 121 -5.51 15.15 16.58
CA ASP B 121 -4.96 14.78 15.29
C ASP B 121 -5.20 13.30 15.02
N GLY B 122 -5.50 12.99 13.76
CA GLY B 122 -5.62 11.61 13.35
C GLY B 122 -6.06 11.46 11.91
N PRO B 123 -6.25 10.21 11.48
CA PRO B 123 -6.59 9.91 10.09
C PRO B 123 -8.08 9.99 9.74
N VAL B 124 -8.92 10.39 10.68
CA VAL B 124 -10.35 10.42 10.41
C VAL B 124 -10.85 11.85 10.26
N PHE B 125 -10.91 12.31 9.01
CA PHE B 125 -11.18 13.71 8.66
C PHE B 125 -10.45 14.66 9.60
N GLY B 126 -9.20 14.32 9.89
CA GLY B 126 -8.33 15.17 10.69
C GLY B 126 -8.23 14.79 12.16
N SER B 127 -9.11 13.89 12.61
CA SER B 127 -9.24 13.59 14.01
C SER B 127 -8.98 12.12 14.34
N ALA B 128 -8.94 11.79 15.61
CA ALA B 128 -8.47 10.47 16.06
C ALA B 128 -9.43 9.36 15.69
N ASP B 129 -8.86 8.24 15.26
CA ASP B 129 -9.60 6.99 15.07
C ASP B 129 -9.99 6.38 16.42
N MET B 130 -10.86 5.38 16.38
CA MET B 130 -11.26 4.57 17.55
C MET B 130 -11.80 5.41 18.69
N TRP B 131 -12.69 6.32 18.35
CA TRP B 131 -13.24 7.28 19.27
C TRP B 131 -14.40 6.65 20.05
N ASN B 132 -14.77 7.29 21.16
CA ASN B 132 -15.96 6.92 21.92
C ASN B 132 -17.04 7.98 21.86
N GLY B 133 -18.02 7.76 20.99
CA GLY B 133 -19.11 8.69 20.76
C GLY B 133 -19.54 8.73 19.30
N VAL B 134 -19.87 9.94 18.82
CA VAL B 134 -20.49 10.08 17.49
C VAL B 134 -19.80 11.10 16.59
N GLY B 135 -19.61 10.70 15.34
CA GLY B 135 -19.14 11.60 14.31
C GLY B 135 -20.17 11.70 13.21
N ILE B 136 -20.41 12.91 12.74
CA ILE B 136 -21.25 13.13 11.57
C ILE B 136 -20.31 13.60 10.48
N PHE B 137 -20.18 12.77 9.44
CA PHE B 137 -19.16 12.96 8.41
C PHE B 137 -19.75 13.57 7.13
N PHE B 138 -19.18 14.71 6.73
CA PHE B 138 -19.54 15.38 5.47
C PHE B 138 -18.48 15.02 4.48
N ASP B 139 -18.71 13.89 3.83
CA ASP B 139 -17.68 13.20 3.07
C ASP B 139 -17.81 13.61 1.62
N SER B 140 -16.85 14.37 1.11
CA SER B 140 -17.00 14.86 -0.26
C SER B 140 -16.49 13.92 -1.33
N PHE B 141 -15.57 13.02 -0.98
CA PHE B 141 -14.94 12.16 -1.98
C PHE B 141 -15.39 10.70 -1.94
N ASP B 142 -15.73 10.20 -3.13
CA ASP B 142 -16.27 8.85 -3.33
C ASP B 142 -15.16 7.81 -3.41
N ASN B 143 -14.73 7.34 -2.25
CA ASN B 143 -13.64 6.38 -2.16
C ASN B 143 -13.97 4.97 -2.67
N ASP B 144 -15.25 4.56 -2.60
CA ASP B 144 -15.64 3.23 -3.07
C ASP B 144 -16.17 3.19 -4.52
N GLY B 145 -16.20 4.34 -5.18
CA GLY B 145 -16.65 4.42 -6.57
C GLY B 145 -18.12 4.12 -6.81
N LYS B 146 -18.94 4.25 -5.78
CA LYS B 146 -20.38 3.98 -5.88
C LYS B 146 -21.21 5.20 -6.35
N LYS B 147 -20.52 6.25 -6.76
CA LYS B 147 -21.13 7.45 -7.37
C LYS B 147 -22.20 8.08 -6.47
N ASN B 148 -21.93 8.16 -5.18
CA ASN B 148 -22.91 8.61 -4.20
C ASN B 148 -22.33 9.61 -3.18
N ASN B 149 -21.49 10.51 -3.67
CA ASN B 149 -20.93 11.58 -2.87
C ASN B 149 -21.15 12.90 -3.59
N PRO B 150 -21.07 14.05 -2.90
CA PRO B 150 -20.90 14.14 -1.44
C PRO B 150 -22.03 13.53 -0.61
N ALA B 151 -21.71 13.03 0.57
CA ALA B 151 -22.69 12.36 1.43
C ALA B 151 -22.51 12.73 2.90
N ILE B 152 -23.58 12.61 3.67
CA ILE B 152 -23.51 12.85 5.10
C ILE B 152 -23.79 11.54 5.79
N VAL B 153 -22.87 11.10 6.64
CA VAL B 153 -22.99 9.78 7.26
C VAL B 153 -22.73 9.83 8.77
N VAL B 154 -23.62 9.17 9.52
CA VAL B 154 -23.54 9.17 10.97
C VAL B 154 -22.87 7.90 11.44
N VAL B 155 -21.72 8.04 12.10
CA VAL B 155 -20.98 6.87 12.60
C VAL B 155 -20.78 6.93 14.12
N GLY B 156 -21.36 5.95 14.81
CA GLY B 156 -21.14 5.77 16.22
C GLY B 156 -19.91 4.94 16.43
N ASN B 157 -19.33 5.02 17.63
CA ASN B 157 -18.14 4.23 17.97
C ASN B 157 -18.03 4.13 19.49
N ASN B 158 -17.49 2.99 19.96
CA ASN B 158 -17.25 2.82 21.39
C ASN B 158 -15.76 2.60 21.73
N GLY B 159 -14.87 3.05 20.84
CA GLY B 159 -13.44 2.85 21.03
C GLY B 159 -12.87 1.59 20.38
N GLN B 160 -13.73 0.80 19.75
CA GLN B 160 -13.31 -0.48 19.16
C GLN B 160 -13.05 -0.44 17.65
N ILE B 161 -13.81 0.39 16.94
CA ILE B 161 -13.85 0.34 15.48
C ILE B 161 -12.80 1.24 14.82
N ASN B 162 -12.14 0.71 13.79
CA ASN B 162 -11.35 1.52 12.88
C ASN B 162 -12.23 1.98 11.72
N TYR B 163 -12.34 3.31 11.52
CA TYR B 163 -13.15 3.87 10.45
C TYR B 163 -12.72 3.35 9.08
N ASP B 164 -13.69 2.82 8.34
CA ASP B 164 -13.45 2.32 7.00
C ASP B 164 -13.49 3.43 5.93
N HIS B 165 -12.35 4.10 5.75
CA HIS B 165 -12.19 5.24 4.82
C HIS B 165 -12.49 4.82 3.38
N GLN B 166 -12.05 3.61 3.02
CA GLN B 166 -12.13 3.16 1.62
C GLN B 166 -13.55 2.88 1.15
N ASN B 167 -14.45 2.59 2.09
CA ASN B 167 -15.87 2.38 1.77
C ASN B 167 -16.75 3.56 2.13
N ASP B 168 -16.13 4.70 2.44
CA ASP B 168 -16.84 5.89 2.91
C ASP B 168 -17.70 5.56 4.13
N GLY B 169 -17.18 4.68 4.98
CA GLY B 169 -17.86 4.26 6.20
C GLY B 169 -19.23 3.63 6.02
N ALA B 170 -19.53 3.17 4.80
CA ALA B 170 -20.84 2.63 4.47
C ALA B 170 -21.22 1.37 5.27
N THR B 171 -20.22 0.56 5.61
CA THR B 171 -20.47 -0.67 6.36
C THR B 171 -20.67 -0.43 7.85
N GLN B 172 -20.35 0.79 8.30
CA GLN B 172 -20.35 1.13 9.73
C GLN B 172 -21.36 2.25 10.06
N ALA B 173 -22.02 2.75 9.03
CA ALA B 173 -22.91 3.90 9.19
C ALA B 173 -24.25 3.55 9.82
N LEU B 174 -24.65 4.33 10.83
CA LEU B 174 -25.96 4.14 11.44
C LEU B 174 -27.05 4.79 10.61
N ALA B 175 -26.73 5.89 9.95
CA ALA B 175 -27.65 6.58 9.05
C ALA B 175 -26.85 7.45 8.07
N SER B 176 -27.47 7.81 6.96
CA SER B 176 -26.78 8.59 5.93
C SER B 176 -27.74 9.26 4.95
N CYS B 177 -27.26 10.29 4.27
CA CYS B 177 -27.99 10.95 3.19
C CYS B 177 -27.02 11.55 2.18
N GLN B 178 -27.46 11.63 0.94
CA GLN B 178 -26.72 12.28 -0.13
C GLN B 178 -27.11 13.76 -0.29
N ARG B 179 -26.19 14.66 0.04
CA ARG B 179 -26.38 16.11 -0.13
C ARG B 179 -25.08 16.78 -0.56
N ASP B 180 -25.16 17.61 -1.60
CA ASP B 180 -23.99 18.34 -2.08
C ASP B 180 -23.80 19.62 -1.27
N PHE B 181 -22.80 19.63 -0.41
CA PHE B 181 -22.58 20.78 0.47
C PHE B 181 -21.45 21.67 -0.04
N ARG B 182 -20.95 21.39 -1.24
CA ARG B 182 -19.79 22.10 -1.80
C ARG B 182 -20.17 23.25 -2.74
N ASN B 183 -19.37 24.31 -2.70
CA ASN B 183 -19.47 25.44 -3.64
C ASN B 183 -20.85 26.12 -3.70
N LYS B 184 -21.42 26.40 -2.55
CA LYS B 184 -22.77 26.96 -2.47
C LYS B 184 -22.74 28.49 -2.34
N PRO B 185 -23.72 29.16 -2.91
CA PRO B 185 -23.75 30.63 -2.87
C PRO B 185 -23.73 31.19 -1.45
N TYR B 186 -24.45 30.54 -0.53
CA TYR B 186 -24.49 30.96 0.87
C TYR B 186 -23.92 29.86 1.75
N PRO B 187 -23.50 30.19 2.97
CA PRO B 187 -22.94 29.17 3.87
C PRO B 187 -23.90 28.03 4.13
N VAL B 188 -23.38 26.81 4.21
CA VAL B 188 -24.16 25.63 4.55
C VAL B 188 -24.32 25.52 6.05
N ARG B 189 -25.47 25.04 6.52
CA ARG B 189 -25.69 24.87 7.96
C ARG B 189 -26.13 23.45 8.32
N ALA B 190 -25.57 22.90 9.38
CA ALA B 190 -26.01 21.61 9.91
C ALA B 190 -26.56 21.75 11.33
N LYS B 191 -27.79 21.31 11.55
CA LYS B 191 -28.32 21.26 12.89
C LYS B 191 -28.38 19.81 13.37
N ILE B 192 -27.68 19.55 14.47
CA ILE B 192 -27.62 18.22 15.06
C ILE B 192 -28.21 18.23 16.45
N THR B 193 -29.24 17.42 16.63
CA THR B 193 -30.04 17.35 17.84
C THR B 193 -29.92 15.98 18.50
N TYR B 194 -29.62 15.98 19.80
CA TYR B 194 -29.72 14.78 20.61
C TYR B 194 -30.82 15.00 21.64
N TYR B 195 -31.94 14.31 21.48
CA TYR B 195 -33.11 14.55 22.30
C TYR B 195 -33.88 13.27 22.58
N GLN B 196 -34.06 12.97 23.86
CA GLN B 196 -34.77 11.78 24.33
C GLN B 196 -34.27 10.53 23.57
N LYS B 197 -32.93 10.40 23.54
CA LYS B 197 -32.23 9.26 22.93
C LYS B 197 -32.16 9.27 21.39
N THR B 198 -32.71 10.32 20.76
CA THR B 198 -32.78 10.38 19.31
C THR B 198 -31.76 11.40 18.75
N LEU B 199 -30.94 10.96 17.79
CA LEU B 199 -30.06 11.87 17.05
C LEU B 199 -30.64 12.24 15.68
N THR B 200 -30.78 13.55 15.44
CA THR B 200 -31.35 14.07 14.21
C THR B 200 -30.37 15.02 13.50
N VAL B 201 -30.27 14.89 12.19
CA VAL B 201 -29.46 15.79 11.35
C VAL B 201 -30.35 16.49 10.35
N MET B 202 -30.32 17.83 10.40
CA MET B 202 -31.03 18.68 9.43
C MET B 202 -30.00 19.55 8.74
N ILE B 203 -30.18 19.79 7.45
CA ILE B 203 -29.24 20.57 6.65
C ILE B 203 -29.90 21.75 5.97
N ASN B 204 -29.30 22.92 6.12
CA ASN B 204 -29.62 24.08 5.29
C ASN B 204 -28.55 24.14 4.22
N ASN B 205 -28.93 23.83 2.98
CA ASN B 205 -27.99 23.62 1.89
C ASN B 205 -27.37 24.88 1.26
N GLY B 206 -27.72 26.05 1.76
CA GLY B 206 -27.09 27.29 1.33
C GLY B 206 -27.45 27.82 -0.05
N PHE B 207 -28.67 27.53 -0.52
CA PHE B 207 -29.19 28.11 -1.75
C PHE B 207 -29.88 29.44 -1.50
N THR B 208 -30.27 29.67 -0.25
CA THR B 208 -31.16 30.75 0.11
C THR B 208 -30.51 31.66 1.17
N PRO B 209 -30.86 32.95 1.20
CA PRO B 209 -30.43 33.84 2.30
C PRO B 209 -31.03 33.46 3.66
N ASP B 210 -32.08 32.66 3.68
CA ASP B 210 -32.78 32.29 4.91
C ASP B 210 -32.01 31.27 5.75
N LYS B 211 -31.65 31.65 6.97
CA LYS B 211 -30.78 30.83 7.82
C LYS B 211 -31.50 29.65 8.50
N ASN B 212 -32.83 29.65 8.46
CA ASN B 212 -33.62 28.61 9.09
C ASN B 212 -34.31 27.64 8.11
N ASP B 213 -33.86 27.65 6.85
CA ASP B 213 -34.40 26.77 5.82
C ASP B 213 -33.75 25.38 5.92
N TYR B 214 -34.11 24.64 6.96
CA TYR B 214 -33.55 23.32 7.21
C TYR B 214 -34.37 22.21 6.57
N GLU B 215 -33.69 21.23 6.00
CA GLU B 215 -34.35 20.05 5.45
C GLU B 215 -33.82 18.80 6.14
N PHE B 216 -34.71 17.85 6.43
CA PHE B 216 -34.35 16.61 7.11
C PHE B 216 -33.30 15.85 6.30
N CYS B 217 -32.29 15.33 6.99
CA CYS B 217 -31.28 14.52 6.33
C CYS B 217 -31.29 13.07 6.86
N ALA B 218 -31.08 12.90 8.17
CA ALA B 218 -30.95 11.58 8.78
C ALA B 218 -31.37 11.54 10.25
N LYS B 219 -31.68 10.35 10.76
CA LYS B 219 -32.12 10.17 12.13
C LYS B 219 -31.68 8.81 12.66
N VAL B 220 -31.19 8.78 13.90
CA VAL B 220 -30.92 7.52 14.59
C VAL B 220 -31.69 7.48 15.91
N GLU B 221 -32.69 6.60 15.96
CA GLU B 221 -33.52 6.43 17.14
C GLU B 221 -32.79 5.58 18.18
N ASN B 222 -33.06 5.88 19.45
CA ASN B 222 -32.51 5.13 20.60
C ASN B 222 -30.98 4.96 20.57
N MET B 223 -30.26 5.99 20.14
CA MET B 223 -28.80 5.94 20.13
C MET B 223 -28.17 6.28 21.48
N VAL B 224 -27.13 5.54 21.86
CA VAL B 224 -26.45 5.79 23.13
C VAL B 224 -25.11 6.42 22.84
N ILE B 225 -24.79 7.41 23.66
CA ILE B 225 -23.56 8.20 23.56
C ILE B 225 -23.09 8.44 24.99
N PRO B 226 -21.80 8.78 25.17
CA PRO B 226 -21.25 9.00 26.52
C PRO B 226 -21.95 10.12 27.26
N THR B 227 -21.96 10.06 28.59
CA THR B 227 -22.71 11.02 29.41
C THR B 227 -22.00 12.35 29.48
N GLN B 228 -20.69 12.32 29.21
CA GLN B 228 -19.88 13.52 29.09
C GLN B 228 -18.97 13.43 27.89
N GLY B 229 -18.79 14.57 27.21
CA GLY B 229 -17.89 14.64 26.07
C GLY B 229 -17.54 16.05 25.58
N HIS B 230 -16.53 16.09 24.72
CA HIS B 230 -16.14 17.30 24.02
C HIS B 230 -16.88 17.40 22.71
N PHE B 231 -17.24 18.61 22.33
CA PHE B 231 -17.67 18.89 20.97
C PHE B 231 -16.45 19.25 20.15
N GLY B 232 -16.47 18.87 18.88
CA GLY B 232 -15.32 19.06 18.00
C GLY B 232 -15.68 19.21 16.53
N ILE B 233 -14.79 19.84 15.79
CA ILE B 233 -14.92 19.89 14.33
C ILE B 233 -13.55 19.74 13.69
N SER B 234 -13.49 18.92 12.64
CA SER B 234 -12.23 18.66 11.99
C SER B 234 -12.40 18.53 10.48
N ALA B 235 -11.28 18.60 9.76
CA ALA B 235 -11.29 18.44 8.31
C ALA B 235 -9.94 17.94 7.81
N ALA B 236 -9.91 17.52 6.55
CA ALA B 236 -8.69 17.03 5.91
C ALA B 236 -8.80 17.18 4.41
N THR B 237 -7.66 17.24 3.74
CA THR B 237 -7.58 17.21 2.28
C THR B 237 -6.78 16.00 1.83
N GLY B 238 -7.04 15.53 0.61
CA GLY B 238 -6.22 14.51 0.01
C GLY B 238 -5.44 15.04 -1.19
N GLY B 239 -5.59 14.36 -2.33
CA GLY B 239 -4.98 14.79 -3.58
C GLY B 239 -5.69 16.02 -4.10
N LEU B 240 -7.02 15.96 -4.11
CA LEU B 240 -7.82 17.13 -4.38
C LEU B 240 -7.99 17.83 -3.04
N ALA B 241 -8.12 19.15 -3.09
CA ALA B 241 -8.10 19.94 -1.87
C ALA B 241 -9.09 21.10 -1.94
N ASP B 242 -10.05 21.07 -1.03
CA ASP B 242 -10.99 22.17 -0.83
C ASP B 242 -10.53 23.00 0.37
N ASP B 243 -10.98 24.26 0.43
CA ASP B 243 -10.91 25.04 1.66
C ASP B 243 -12.09 24.62 2.52
N HIS B 244 -11.81 24.22 3.77
CA HIS B 244 -12.86 23.86 4.72
C HIS B 244 -12.91 24.90 5.86
N ASP B 245 -13.96 25.72 5.86
CA ASP B 245 -14.07 26.84 6.80
C ASP B 245 -15.31 26.72 7.67
N VAL B 246 -15.15 26.98 8.97
CA VAL B 246 -16.30 27.05 9.85
C VAL B 246 -16.50 28.51 10.29
N LEU B 247 -17.71 29.01 10.08
CA LEU B 247 -18.09 30.36 10.49
C LEU B 247 -18.58 30.43 11.93
N SER B 248 -19.29 29.42 12.39
CA SER B 248 -19.78 29.40 13.76
C SER B 248 -20.19 27.99 14.23
N PHE B 249 -20.15 27.81 15.54
CA PHE B 249 -20.53 26.56 16.19
C PHE B 249 -21.29 27.00 17.42
N LEU B 250 -22.61 26.82 17.39
CA LEU B 250 -23.51 27.27 18.45
C LEU B 250 -24.21 26.10 19.15
N THR B 251 -23.96 26.00 20.46
CA THR B 251 -24.46 24.90 21.28
C THR B 251 -25.64 25.36 22.14
N PHE B 252 -26.64 24.49 22.24
CA PHE B 252 -27.80 24.70 23.09
C PHE B 252 -28.05 23.46 23.97
N GLN B 253 -28.42 23.73 25.22
CA GLN B 253 -28.85 22.68 26.14
C GLN B 253 -30.39 22.57 26.09
N LEU B 254 -30.89 21.33 26.02
CA LEU B 254 -32.35 21.09 25.97
C LEU B 254 -32.96 20.42 27.23
N THR B 255 -34.10 20.97 27.69
CA THR B 255 -34.75 20.50 28.91
C THR B 255 -36.16 19.88 28.72
N GLU B 256 -36.54 19.00 29.66
CA GLU B 256 -37.85 18.29 29.68
C GLU B 256 -37.88 17.30 28.48
N HIS C 7 -5.08 -2.17 -9.32
CA HIS C 7 -6.01 -2.03 -10.48
C HIS C 7 -6.98 -0.88 -10.29
N HIS C 8 -7.37 -0.24 -11.39
CA HIS C 8 -8.33 0.88 -11.44
C HIS C 8 -7.64 2.26 -11.28
N HIS C 9 -7.89 3.15 -12.23
CA HIS C 9 -7.12 4.39 -12.36
C HIS C 9 -7.33 5.37 -11.20
N HIS C 10 -6.26 6.10 -10.86
CA HIS C 10 -6.31 7.05 -9.72
C HIS C 10 -7.22 8.23 -9.96
N SER C 11 -8.02 8.53 -8.95
CA SER C 11 -9.10 9.49 -9.06
C SER C 11 -8.91 10.72 -8.19
N SER C 12 -8.24 10.55 -7.04
CA SER C 12 -7.99 11.66 -6.11
C SER C 12 -6.81 12.53 -6.53
N GLY C 13 -7.00 13.24 -7.64
CA GLY C 13 -5.95 14.06 -8.23
C GLY C 13 -6.51 15.16 -9.09
N LEU C 14 -5.90 16.34 -8.99
CA LEU C 14 -6.34 17.49 -9.78
C LEU C 14 -5.86 17.38 -11.22
N VAL C 15 -6.44 18.22 -12.07
CA VAL C 15 -6.04 18.31 -13.47
C VAL C 15 -4.59 18.85 -13.70
N PRO C 16 -4.14 19.88 -12.95
CA PRO C 16 -2.72 20.29 -12.98
C PRO C 16 -1.73 19.20 -12.59
N ARG C 17 -2.05 18.42 -11.55
CA ARG C 17 -1.18 17.32 -11.15
C ARG C 17 -1.23 16.16 -12.14
N GLY C 18 -2.40 15.96 -12.74
CA GLY C 18 -2.55 15.02 -13.86
C GLY C 18 -1.56 15.35 -14.97
N SER C 19 -1.55 16.61 -15.36
CA SER C 19 -0.62 17.19 -16.34
C SER C 19 0.83 17.04 -15.87
N HIS C 20 1.10 17.53 -14.66
CA HIS C 20 2.38 17.42 -13.98
C HIS C 20 2.98 16.00 -14.04
N MET C 21 2.15 14.97 -13.81
CA MET C 21 2.63 13.60 -13.77
C MET C 21 2.28 12.81 -15.06
N ALA C 22 2.16 13.53 -16.18
CA ALA C 22 1.69 12.95 -17.44
C ALA C 22 2.54 11.79 -17.94
N GLY C 23 3.85 11.99 -18.01
CA GLY C 23 4.77 10.97 -18.46
C GLY C 23 4.81 9.74 -17.56
N THR C 24 4.29 9.89 -16.35
CA THR C 24 4.27 8.80 -15.37
C THR C 24 2.98 7.98 -15.46
N GLN C 25 1.85 8.62 -15.81
CA GLN C 25 0.57 7.93 -15.95
C GLN C 25 0.47 7.14 -17.27
N ALA C 26 1.03 7.71 -18.34
CA ALA C 26 0.91 7.14 -19.68
C ALA C 26 1.85 5.94 -19.91
N HIS C 30 -0.28 -3.66 -16.00
CA HIS C 30 0.85 -4.23 -15.27
C HIS C 30 1.42 -3.22 -14.27
N ARG C 31 1.63 -1.97 -14.73
CA ARG C 31 2.06 -0.89 -13.85
C ARG C 31 0.99 0.18 -13.73
N ARG C 32 0.58 0.44 -12.49
CA ARG C 32 -0.33 1.53 -12.18
C ARG C 32 0.43 2.52 -11.30
N PHE C 33 0.55 3.76 -11.78
CA PHE C 33 1.24 4.83 -11.06
C PHE C 33 0.55 5.13 -9.73
N GLU C 34 1.33 5.18 -8.67
CA GLU C 34 0.81 5.44 -7.32
C GLU C 34 1.18 6.86 -6.87
N TYR C 35 0.41 7.80 -7.39
CA TYR C 35 0.48 9.23 -7.10
C TYR C 35 0.66 9.57 -5.61
N LYS C 36 -0.06 8.86 -4.74
CA LYS C 36 -0.05 9.12 -3.30
C LYS C 36 1.21 8.66 -2.56
N TYR C 37 2.11 7.97 -3.25
CA TYR C 37 3.37 7.51 -2.65
C TYR C 37 4.55 7.98 -3.50
N SER C 38 4.42 9.19 -4.03
CA SER C 38 5.35 9.70 -5.04
C SER C 38 5.62 11.17 -4.86
N PHE C 39 6.77 11.65 -5.34
CA PHE C 39 7.04 13.10 -5.44
C PHE C 39 8.05 13.38 -6.53
N LYS C 40 7.99 14.58 -7.10
CA LYS C 40 9.00 15.01 -8.08
C LYS C 40 8.93 16.52 -8.30
N GLY C 41 9.98 17.10 -8.89
CA GLY C 41 9.93 18.47 -9.35
C GLY C 41 9.39 18.50 -10.80
N PRO C 42 9.16 19.69 -11.35
CA PRO C 42 9.32 20.98 -10.65
C PRO C 42 8.16 21.26 -9.69
N HIS C 43 8.32 22.26 -8.83
CA HIS C 43 7.36 22.55 -7.76
C HIS C 43 7.15 21.32 -6.87
N LEU C 44 8.24 20.66 -6.51
CA LEU C 44 8.22 19.47 -5.64
C LEU C 44 7.47 19.75 -4.34
N VAL C 45 7.59 20.98 -3.88
CA VAL C 45 7.14 21.36 -2.55
C VAL C 45 5.94 22.31 -2.65
N GLN C 46 5.07 22.28 -1.64
CA GLN C 46 3.88 23.15 -1.58
C GLN C 46 4.22 24.52 -1.02
N SER C 47 3.33 25.49 -1.21
CA SER C 47 3.53 26.86 -0.74
C SER C 47 3.79 26.96 0.78
N ASP C 48 3.50 25.90 1.52
CA ASP C 48 3.76 25.89 2.96
C ASP C 48 5.02 25.13 3.33
N GLY C 49 5.77 24.70 2.31
CA GLY C 49 7.05 24.08 2.53
C GLY C 49 7.03 22.56 2.65
N THR C 50 5.85 21.94 2.62
CA THR C 50 5.79 20.48 2.73
C THR C 50 5.71 19.78 1.41
N VAL C 51 6.15 18.53 1.42
CA VAL C 51 6.01 17.63 0.29
C VAL C 51 4.68 16.90 0.44
N PRO C 52 3.76 17.04 -0.50
CA PRO C 52 2.45 16.39 -0.40
C PRO C 52 2.61 14.89 -0.17
N PHE C 53 1.88 14.34 0.80
CA PHE C 53 1.85 12.91 1.11
C PHE C 53 3.12 12.36 1.81
N TRP C 54 4.10 13.22 2.07
CA TRP C 54 5.36 12.79 2.71
C TRP C 54 5.75 13.67 3.89
N ALA C 55 6.31 13.03 4.93
CA ALA C 55 6.92 13.72 6.06
C ALA C 55 8.44 13.67 5.99
N HIS C 56 9.09 14.77 6.35
CA HIS C 56 10.54 14.85 6.38
C HIS C 56 11.02 15.10 7.82
N ALA C 57 12.25 14.68 8.13
CA ALA C 57 12.81 14.78 9.48
C ALA C 57 14.33 15.01 9.44
N GLY C 58 14.90 15.35 10.59
CA GLY C 58 16.31 15.62 10.74
C GLY C 58 16.77 16.86 9.98
N ASN C 59 17.88 16.72 9.26
CA ASN C 59 18.43 17.80 8.47
C ASN C 59 17.90 17.87 7.03
N ALA C 60 16.89 17.06 6.70
CA ALA C 60 16.29 17.12 5.37
C ALA C 60 15.56 18.45 5.11
N ILE C 61 15.85 19.06 3.96
CA ILE C 61 15.18 20.29 3.56
C ILE C 61 14.67 20.16 2.14
N PRO C 62 13.36 20.14 1.98
CA PRO C 62 12.76 20.10 0.65
C PRO C 62 12.67 21.49 0.02
N SER C 63 12.83 21.55 -1.29
CA SER C 63 12.59 22.79 -2.03
C SER C 63 11.92 22.48 -3.37
N ALA C 64 11.84 23.48 -4.24
CA ALA C 64 11.11 23.36 -5.50
C ALA C 64 11.62 22.28 -6.44
N ASP C 65 12.93 22.07 -6.44
CA ASP C 65 13.59 21.18 -7.41
C ASP C 65 14.05 19.84 -6.85
N GLN C 66 14.24 19.78 -5.53
CA GLN C 66 14.77 18.58 -4.88
C GLN C 66 14.56 18.60 -3.37
N ILE C 67 14.86 17.48 -2.74
CA ILE C 67 15.00 17.43 -1.30
C ILE C 67 16.46 17.17 -0.99
N ARG C 68 17.09 18.12 -0.30
CA ARG C 68 18.44 17.91 0.20
C ARG C 68 18.31 17.16 1.52
N ILE C 69 18.46 15.84 1.47
CA ILE C 69 18.30 15.00 2.65
C ILE C 69 19.38 15.26 3.68
N ALA C 70 20.63 15.27 3.24
CA ALA C 70 21.76 15.59 4.10
C ALA C 70 22.77 16.47 3.36
N PRO C 71 22.92 17.72 3.81
CA PRO C 71 23.84 18.66 3.14
C PRO C 71 25.27 18.31 3.50
N SER C 72 26.23 18.94 2.82
CA SER C 72 27.65 18.65 3.03
C SER C 72 28.22 19.29 4.30
N LEU C 73 27.49 19.19 5.41
CA LEU C 73 28.05 19.47 6.73
C LEU C 73 28.37 18.14 7.40
N LYS C 74 29.21 18.17 8.43
CA LYS C 74 29.59 16.96 9.15
C LYS C 74 28.50 16.44 10.08
N SER C 75 28.47 15.10 10.25
CA SER C 75 27.48 14.40 11.09
C SER C 75 26.03 14.85 10.97
N GLN C 76 25.53 14.88 9.73
CA GLN C 76 24.14 15.22 9.44
C GLN C 76 23.31 13.97 9.30
N ARG C 77 22.02 14.08 9.64
CA ARG C 77 21.03 13.02 9.43
C ARG C 77 19.76 13.63 8.90
N GLY C 78 19.17 12.99 7.90
CA GLY C 78 17.88 13.40 7.35
C GLY C 78 17.10 12.23 6.79
N SER C 79 15.78 12.37 6.73
CA SER C 79 14.94 11.34 6.11
C SER C 79 13.61 11.90 5.62
N VAL C 80 12.97 11.14 4.72
CA VAL C 80 11.68 11.48 4.12
C VAL C 80 10.86 10.19 4.05
N TRP C 81 9.62 10.21 4.54
CA TRP C 81 8.79 9.01 4.63
C TRP C 81 7.35 9.26 4.19
N THR C 82 6.74 8.26 3.57
CA THR C 82 5.32 8.36 3.21
C THR C 82 4.50 8.50 4.49
N LYS C 83 3.45 9.32 4.46
CA LYS C 83 2.61 9.53 5.63
C LYS C 83 1.79 8.29 5.99
N THR C 84 1.47 7.47 4.99
CA THR C 84 0.76 6.23 5.25
C THR C 84 1.47 5.02 4.61
N LYS C 85 1.02 3.83 5.00
CA LYS C 85 1.56 2.56 4.51
C LYS C 85 0.96 2.20 3.14
N ALA C 86 1.75 1.50 2.34
CA ALA C 86 1.27 0.92 1.09
C ALA C 86 0.96 -0.55 1.31
N ALA C 87 -0.08 -1.03 0.64
CA ALA C 87 -0.42 -2.45 0.66
C ALA C 87 -0.43 -3.00 -0.75
N PHE C 88 0.76 -3.19 -1.32
CA PHE C 88 0.89 -3.70 -2.69
C PHE C 88 1.54 -5.08 -2.66
N GLU C 89 0.95 -6.04 -3.37
CA GLU C 89 1.53 -7.37 -3.50
C GLU C 89 2.84 -7.28 -4.26
N ASN C 90 2.81 -6.57 -5.38
CA ASN C 90 3.99 -6.33 -6.22
C ASN C 90 4.15 -4.84 -6.49
N TRP C 91 5.39 -4.36 -6.47
CA TRP C 91 5.65 -2.94 -6.68
C TRP C 91 7.01 -2.63 -7.27
N GLU C 92 7.18 -1.37 -7.70
CA GLU C 92 8.39 -0.86 -8.31
C GLU C 92 8.55 0.62 -7.96
N VAL C 93 9.70 0.96 -7.39
CA VAL C 93 10.03 2.36 -7.18
C VAL C 93 11.16 2.81 -8.12
N GLU C 94 11.05 4.03 -8.61
CA GLU C 94 12.13 4.64 -9.41
C GLU C 94 12.57 5.92 -8.71
N VAL C 95 13.78 5.88 -8.15
CA VAL C 95 14.33 6.96 -7.35
C VAL C 95 15.49 7.66 -8.08
N THR C 96 15.39 8.98 -8.22
CA THR C 96 16.38 9.78 -8.95
C THR C 96 17.14 10.68 -7.97
N PHE C 97 18.46 10.58 -7.95
CA PHE C 97 19.25 11.29 -6.94
C PHE C 97 20.65 11.75 -7.39
N ARG C 98 21.28 12.56 -6.54
CA ARG C 98 22.66 13.00 -6.71
C ARG C 98 23.42 12.91 -5.39
N VAL C 99 24.65 12.44 -5.45
CA VAL C 99 25.57 12.46 -4.32
C VAL C 99 26.81 13.22 -4.77
N THR C 100 27.01 14.41 -4.22
CA THR C 100 28.03 15.31 -4.73
C THR C 100 28.96 15.75 -3.62
N GLY C 101 30.26 15.63 -3.86
CA GLY C 101 31.23 16.10 -2.90
C GLY C 101 32.54 16.45 -3.54
N ARG C 102 33.31 17.30 -2.87
CA ARG C 102 34.65 17.59 -3.32
C ARG C 102 35.48 16.36 -3.00
N GLY C 103 36.35 15.99 -3.93
CA GLY C 103 37.21 14.85 -3.70
C GLY C 103 36.60 13.50 -3.99
N ARG C 104 37.50 12.56 -4.23
CA ARG C 104 37.19 11.22 -4.73
C ARG C 104 36.61 10.28 -3.66
N ILE C 105 36.68 10.68 -2.40
CA ILE C 105 36.10 9.93 -1.29
C ILE C 105 35.06 10.78 -0.53
N GLY C 106 33.91 10.17 -0.22
CA GLY C 106 32.83 10.82 0.52
C GLY C 106 32.13 9.88 1.51
N ALA C 107 31.18 10.43 2.27
CA ALA C 107 30.51 9.68 3.33
C ALA C 107 29.14 10.33 3.64
N ASP C 108 28.20 9.61 4.25
CA ASP C 108 28.26 8.17 4.51
C ASP C 108 27.54 7.44 3.37
N GLY C 109 26.44 8.03 2.92
CA GLY C 109 25.63 7.47 1.86
C GLY C 109 24.15 7.73 2.05
N LEU C 110 23.36 7.02 1.25
CA LEU C 110 21.92 7.17 1.19
C LEU C 110 21.26 5.78 1.29
N ALA C 111 20.00 5.74 1.73
CA ALA C 111 19.25 4.49 1.85
C ALA C 111 17.81 4.61 1.33
N ILE C 112 17.35 3.58 0.62
CA ILE C 112 15.94 3.47 0.21
C ILE C 112 15.28 2.34 1.01
N TRP C 113 14.09 2.61 1.54
CA TRP C 113 13.45 1.75 2.52
C TRP C 113 12.04 1.33 2.16
N TYR C 114 11.72 0.07 2.44
CA TYR C 114 10.34 -0.36 2.60
C TYR C 114 10.25 -1.11 3.93
N THR C 115 9.71 -0.42 4.92
CA THR C 115 9.63 -0.97 6.28
C THR C 115 8.25 -0.74 6.91
N GLU C 116 7.98 -1.55 7.92
CA GLU C 116 6.69 -1.57 8.58
C GLU C 116 6.38 -0.28 9.33
N ASN C 117 7.37 0.31 10.01
CA ASN C 117 7.26 1.65 10.61
C ASN C 117 8.05 2.72 9.86
N GLN C 118 7.80 4.00 10.22
CA GLN C 118 8.61 5.12 9.74
C GLN C 118 9.91 5.22 10.54
N GLY C 119 11.05 5.19 9.86
CA GLY C 119 12.31 5.40 10.54
C GLY C 119 12.75 6.86 10.46
N LEU C 120 12.13 7.70 11.25
CA LEU C 120 12.36 9.15 11.20
C LEU C 120 13.82 9.54 11.45
N ASP C 121 14.34 9.11 12.59
CA ASP C 121 15.71 9.40 12.96
C ASP C 121 16.40 8.16 13.51
N GLY C 122 17.69 8.02 13.19
CA GLY C 122 18.50 6.96 13.77
C GLY C 122 19.90 6.91 13.19
N PRO C 123 20.68 5.92 13.64
CA PRO C 123 22.08 5.76 13.22
C PRO C 123 22.30 5.03 11.89
N VAL C 124 21.23 4.62 11.21
CA VAL C 124 21.38 3.85 9.96
C VAL C 124 21.09 4.71 8.73
N PHE C 125 22.15 5.31 8.18
CA PHE C 125 22.05 6.28 7.08
C PHE C 125 20.93 7.32 7.31
N GLY C 126 20.80 7.73 8.58
CA GLY C 126 19.83 8.72 8.97
C GLY C 126 18.52 8.18 9.50
N SER C 127 18.34 6.86 9.45
CA SER C 127 17.07 6.24 9.84
C SER C 127 17.24 5.20 10.96
N ALA C 128 16.11 4.69 11.46
CA ALA C 128 16.10 3.81 12.63
C ALA C 128 16.75 2.44 12.42
N ASP C 129 17.48 2.00 13.44
CA ASP C 129 18.01 0.64 13.51
C ASP C 129 16.89 -0.34 13.83
N MET C 130 17.19 -1.63 13.65
CA MET C 130 16.29 -2.74 14.02
C MET C 130 14.91 -2.59 13.35
N TRP C 131 14.95 -2.32 12.04
CA TRP C 131 13.77 -2.12 11.22
C TRP C 131 13.15 -3.46 10.80
N ASN C 132 11.87 -3.42 10.41
CA ASN C 132 11.19 -4.61 9.88
C ASN C 132 10.88 -4.42 8.39
N GLY C 133 11.73 -5.02 7.54
CA GLY C 133 11.60 -4.91 6.10
C GLY C 133 12.94 -4.83 5.41
N VAL C 134 13.05 -3.96 4.41
CA VAL C 134 14.23 -3.94 3.53
C VAL C 134 14.85 -2.55 3.33
N GLY C 135 16.17 -2.50 3.48
CA GLY C 135 16.92 -1.31 3.14
C GLY C 135 17.89 -1.58 2.01
N ILE C 136 17.89 -0.70 1.02
CA ILE C 136 18.89 -0.76 -0.04
C ILE C 136 19.88 0.38 0.19
N PHE C 137 21.12 0.01 0.51
CA PHE C 137 22.11 0.95 1.03
C PHE C 137 23.11 1.35 -0.02
N PHE C 138 23.15 2.64 -0.33
CA PHE C 138 24.15 3.22 -1.23
C PHE C 138 25.27 3.79 -0.40
N ASP C 139 26.25 2.92 -0.13
CA ASP C 139 27.22 3.15 0.93
C ASP C 139 28.50 3.66 0.29
N SER C 140 28.79 4.93 0.51
CA SER C 140 29.95 5.51 -0.19
C SER C 140 31.27 5.31 0.55
N PHE C 141 31.22 5.11 1.86
CA PHE C 141 32.46 5.03 2.64
C PHE C 141 32.86 3.62 3.09
N ASP C 142 34.13 3.28 2.86
CA ASP C 142 34.68 1.95 3.11
C ASP C 142 35.13 1.76 4.56
N ASN C 143 34.18 1.43 5.42
CA ASN C 143 34.44 1.33 6.86
C ASN C 143 35.30 0.12 7.26
N ASP C 144 35.27 -0.95 6.46
CA ASP C 144 36.09 -2.13 6.77
C ASP C 144 37.46 -2.18 6.05
N GLY C 145 37.74 -1.18 5.21
CA GLY C 145 39.05 -1.09 4.55
C GLY C 145 39.31 -2.16 3.51
N LYS C 146 38.24 -2.75 2.98
CA LYS C 146 38.35 -3.80 1.96
C LYS C 146 38.37 -3.23 0.52
N LYS C 147 38.45 -1.90 0.40
CA LYS C 147 38.65 -1.21 -0.88
C LYS C 147 37.57 -1.53 -1.92
N ASN C 148 36.31 -1.56 -1.46
CA ASN C 148 35.20 -2.03 -2.29
C ASN C 148 33.95 -1.11 -2.16
N ASN C 149 34.22 0.19 -2.12
CA ASN C 149 33.16 1.20 -2.07
C ASN C 149 33.47 2.22 -3.13
N PRO C 150 32.48 3.02 -3.56
CA PRO C 150 31.08 2.89 -3.15
C PRO C 150 30.42 1.55 -3.53
N ALA C 151 29.41 1.14 -2.76
CA ALA C 151 28.75 -0.14 -2.98
C ALA C 151 27.24 -0.02 -2.73
N ILE C 152 26.48 -0.92 -3.37
CA ILE C 152 25.05 -1.02 -3.13
C ILE C 152 24.76 -2.36 -2.46
N VAL C 153 24.18 -2.32 -1.27
CA VAL C 153 23.96 -3.54 -0.50
C VAL C 153 22.51 -3.65 -0.03
N VAL C 154 21.95 -4.85 -0.20
CA VAL C 154 20.57 -5.12 0.18
C VAL C 154 20.53 -5.81 1.55
N VAL C 155 19.92 -5.14 2.52
CA VAL C 155 19.85 -5.69 3.89
C VAL C 155 18.40 -5.86 4.35
N GLY C 156 18.01 -7.11 4.58
CA GLY C 156 16.72 -7.44 5.15
C GLY C 156 16.81 -7.43 6.66
N ASN C 157 15.68 -7.25 7.32
CA ASN C 157 15.63 -7.20 8.77
C ASN C 157 14.22 -7.56 9.25
N ASN C 158 14.13 -8.13 10.44
CA ASN C 158 12.84 -8.46 11.04
C ASN C 158 12.66 -7.85 12.43
N GLY C 159 13.41 -6.78 12.70
CA GLY C 159 13.38 -6.12 13.99
C GLY C 159 14.41 -6.58 14.99
N GLN C 160 15.20 -7.60 14.63
CA GLN C 160 16.14 -8.21 15.56
C GLN C 160 17.57 -7.71 15.42
N ILE C 161 17.97 -7.36 14.20
CA ILE C 161 19.38 -7.11 13.88
C ILE C 161 19.79 -5.64 14.06
N ASN C 162 20.93 -5.43 14.68
CA ASN C 162 21.62 -4.14 14.63
C ASN C 162 22.56 -4.08 13.43
N TYR C 163 22.36 -3.08 12.57
CA TYR C 163 23.16 -2.90 11.37
C TYR C 163 24.66 -2.77 11.69
N ASP C 164 25.47 -3.61 11.04
CA ASP C 164 26.91 -3.61 11.23
C ASP C 164 27.61 -2.55 10.36
N HIS C 165 27.64 -1.31 10.87
CA HIS C 165 28.19 -0.14 10.15
C HIS C 165 29.67 -0.30 9.84
N GLN C 166 30.40 -0.92 10.76
CA GLN C 166 31.85 -1.06 10.65
C GLN C 166 32.33 -2.04 9.58
N ASN C 167 31.47 -2.97 9.19
CA ASN C 167 31.77 -3.91 8.11
C ASN C 167 31.02 -3.58 6.81
N ASP C 168 30.41 -2.40 6.77
CA ASP C 168 29.56 -1.99 5.65
C ASP C 168 28.42 -2.98 5.39
N GLY C 169 27.92 -3.57 6.47
CA GLY C 169 26.84 -4.54 6.41
C GLY C 169 27.11 -5.81 5.62
N ALA C 170 28.39 -6.09 5.36
CA ALA C 170 28.80 -7.25 4.55
C ALA C 170 28.37 -8.60 5.13
N THR C 171 28.32 -8.70 6.46
CA THR C 171 27.99 -9.95 7.14
C THR C 171 26.47 -10.18 7.18
N GLN C 172 25.72 -9.14 6.84
CA GLN C 172 24.26 -9.16 6.96
C GLN C 172 23.56 -9.00 5.62
N ALA C 173 24.35 -8.77 4.57
CA ALA C 173 23.84 -8.46 3.23
C ALA C 173 23.26 -9.66 2.51
N LEU C 174 22.07 -9.49 1.94
CA LEU C 174 21.44 -10.54 1.12
C LEU C 174 22.01 -10.54 -0.30
N ALA C 175 22.33 -9.35 -0.80
CA ALA C 175 22.95 -9.18 -2.11
C ALA C 175 23.65 -7.83 -2.16
N SER C 176 24.58 -7.67 -3.09
CA SER C 176 25.34 -6.43 -3.21
C SER C 176 26.01 -6.27 -4.59
N CYS C 177 26.35 -5.03 -4.93
CA CYS C 177 27.16 -4.75 -6.11
C CYS C 177 28.00 -3.49 -5.92
N GLN C 178 29.17 -3.44 -6.56
CA GLN C 178 30.04 -2.29 -6.51
C GLN C 178 29.76 -1.34 -7.67
N ARG C 179 29.20 -0.15 -7.37
CA ARG C 179 28.94 0.90 -8.38
C ARG C 179 29.21 2.29 -7.81
N ASP C 180 29.99 3.08 -8.54
CA ASP C 180 30.27 4.44 -8.09
C ASP C 180 29.12 5.36 -8.51
N PHE C 181 28.35 5.80 -7.53
CA PHE C 181 27.21 6.63 -7.81
C PHE C 181 27.48 8.11 -7.51
N ARG C 182 28.75 8.45 -7.25
CA ARG C 182 29.15 9.79 -6.79
C ARG C 182 29.64 10.67 -7.93
N ASN C 183 29.29 11.95 -7.87
CA ASN C 183 29.87 12.97 -8.74
C ASN C 183 29.69 12.70 -10.24
N LYS C 184 28.46 12.34 -10.61
CA LYS C 184 28.15 11.96 -11.98
C LYS C 184 27.56 13.14 -12.78
N PRO C 185 27.86 13.21 -14.08
CA PRO C 185 27.40 14.34 -14.90
C PRO C 185 25.88 14.49 -14.89
N TYR C 186 25.15 13.38 -14.89
CA TYR C 186 23.70 13.37 -14.86
C TYR C 186 23.22 12.68 -13.59
N PRO C 187 21.98 12.95 -13.18
CA PRO C 187 21.42 12.30 -11.98
C PRO C 187 21.43 10.76 -12.07
N VAL C 188 21.75 10.12 -10.97
CA VAL C 188 21.77 8.65 -10.88
C VAL C 188 20.34 8.17 -10.64
N ARG C 189 19.99 7.01 -11.19
CA ARG C 189 18.67 6.44 -10.93
C ARG C 189 18.73 5.00 -10.45
N ALA C 190 17.93 4.67 -9.45
CA ALA C 190 17.78 3.30 -8.99
C ALA C 190 16.36 2.80 -9.21
N LYS C 191 16.23 1.63 -9.83
CA LYS C 191 14.92 1.00 -9.95
C LYS C 191 14.85 -0.27 -9.09
N ILE C 192 13.91 -0.27 -8.16
CA ILE C 192 13.76 -1.37 -7.22
C ILE C 192 12.38 -2.02 -7.38
N THR C 193 12.43 -3.29 -7.76
CA THR C 193 11.24 -4.06 -8.09
C THR C 193 11.02 -5.20 -7.09
N TYR C 194 9.80 -5.29 -6.56
CA TYR C 194 9.37 -6.45 -5.81
C TYR C 194 8.27 -7.12 -6.59
N TYR C 195 8.58 -8.30 -7.13
CA TYR C 195 7.65 -8.97 -8.03
C TYR C 195 7.73 -10.49 -7.89
N GLN C 196 6.59 -11.10 -7.61
CA GLN C 196 6.47 -12.55 -7.38
C GLN C 196 7.58 -13.07 -6.47
N LYS C 197 7.71 -12.40 -5.31
CA LYS C 197 8.68 -12.73 -4.25
C LYS C 197 10.15 -12.37 -4.56
N THR C 198 10.41 -11.76 -5.71
CA THR C 198 11.77 -11.40 -6.12
C THR C 198 12.04 -9.90 -6.01
N LEU C 199 13.13 -9.54 -5.30
CA LEU C 199 13.60 -8.16 -5.24
C LEU C 199 14.76 -7.91 -6.19
N THR C 200 14.59 -6.92 -7.06
CA THR C 200 15.59 -6.60 -8.09
C THR C 200 16.03 -5.14 -8.01
N VAL C 201 17.34 -4.93 -8.08
CA VAL C 201 17.92 -3.58 -8.14
C VAL C 201 18.63 -3.36 -9.49
N MET C 202 18.21 -2.30 -10.20
CA MET C 202 18.82 -1.86 -11.45
C MET C 202 19.28 -0.42 -11.28
N ILE C 203 20.45 -0.11 -11.81
CA ILE C 203 21.03 1.23 -11.67
C ILE C 203 21.28 1.90 -13.02
N ASN C 204 20.83 3.15 -13.13
CA ASN C 204 21.24 4.02 -14.22
C ASN C 204 22.31 4.96 -13.63
N ASN C 205 23.56 4.71 -14.00
CA ASN C 205 24.70 5.35 -13.36
C ASN C 205 24.99 6.83 -13.75
N GLY C 206 24.15 7.42 -14.58
CA GLY C 206 24.20 8.86 -14.83
C GLY C 206 25.32 9.35 -15.72
N PHE C 207 25.75 8.51 -16.65
CA PHE C 207 26.76 8.91 -17.65
C PHE C 207 26.11 9.45 -18.91
N THR C 208 24.84 9.13 -19.06
CA THR C 208 24.10 9.36 -20.28
C THR C 208 22.86 10.26 -20.03
N PRO C 209 22.45 11.05 -21.03
CA PRO C 209 21.18 11.78 -20.96
C PRO C 209 19.95 10.87 -20.98
N ASP C 210 20.11 9.60 -21.35
CA ASP C 210 19.01 8.64 -21.41
C ASP C 210 18.56 8.12 -20.03
N LYS C 211 17.32 8.41 -19.67
CA LYS C 211 16.78 8.08 -18.36
C LYS C 211 16.42 6.59 -18.15
N ASN C 212 16.41 5.80 -19.22
CA ASN C 212 16.06 4.38 -19.14
C ASN C 212 17.24 3.45 -19.35
N ASP C 213 18.45 3.98 -19.29
CA ASP C 213 19.68 3.20 -19.43
C ASP C 213 20.03 2.49 -18.12
N TYR C 214 19.22 1.49 -17.77
CA TYR C 214 19.40 0.70 -16.55
C TYR C 214 20.28 -0.52 -16.74
N GLU C 215 21.16 -0.76 -15.77
CA GLU C 215 22.00 -1.94 -15.75
C GLU C 215 21.72 -2.74 -14.47
N PHE C 216 21.67 -4.08 -14.61
CA PHE C 216 21.41 -4.97 -13.50
C PHE C 216 22.46 -4.79 -12.42
N CYS C 217 22.03 -4.75 -11.16
CA CYS C 217 22.94 -4.63 -10.02
C CYS C 217 22.89 -5.87 -9.10
N ALA C 218 21.72 -6.17 -8.55
CA ALA C 218 21.56 -7.28 -7.61
C ALA C 218 20.14 -7.81 -7.60
N LYS C 219 19.96 -8.98 -7.00
CA LYS C 219 18.68 -9.67 -6.99
C LYS C 219 18.62 -10.60 -5.77
N VAL C 220 17.47 -10.57 -5.08
CA VAL C 220 17.19 -11.53 -4.01
C VAL C 220 15.91 -12.31 -4.34
N GLU C 221 16.08 -13.60 -4.65
CA GLU C 221 14.96 -14.48 -4.97
C GLU C 221 14.26 -14.95 -3.72
N ASN C 222 12.93 -15.09 -3.81
CA ASN C 222 12.09 -15.57 -2.70
C ASN C 222 12.26 -14.83 -1.37
N MET C 223 12.40 -13.52 -1.44
CA MET C 223 12.52 -12.70 -0.25
C MET C 223 11.15 -12.40 0.36
N VAL C 224 11.07 -12.47 1.68
CA VAL C 224 9.84 -12.06 2.37
C VAL C 224 10.00 -10.68 2.99
N ILE C 225 8.93 -9.89 2.89
CA ILE C 225 8.87 -8.53 3.42
C ILE C 225 7.46 -8.35 3.99
N PRO C 226 7.25 -7.38 4.88
CA PRO C 226 5.91 -7.16 5.48
C PRO C 226 4.84 -6.87 4.43
N THR C 227 3.60 -7.23 4.72
CA THR C 227 2.49 -7.04 3.79
C THR C 227 2.10 -5.57 3.64
N GLN C 228 2.45 -4.77 4.64
CA GLN C 228 2.18 -3.35 4.65
C GLN C 228 3.40 -2.61 5.16
N GLY C 229 3.75 -1.51 4.50
CA GLY C 229 4.85 -0.68 4.96
C GLY C 229 4.91 0.71 4.37
N HIS C 230 5.79 1.52 4.94
CA HIS C 230 6.08 2.84 4.44
C HIS C 230 7.25 2.74 3.48
N PHE C 231 7.25 3.60 2.46
CA PHE C 231 8.44 3.83 1.68
C PHE C 231 9.19 5.01 2.26
N GLY C 232 10.51 4.96 2.18
CA GLY C 232 11.34 5.99 2.76
C GLY C 232 12.65 6.19 2.05
N ILE C 233 13.25 7.34 2.29
CA ILE C 233 14.62 7.58 1.83
C ILE C 233 15.33 8.40 2.90
N SER C 234 16.61 8.09 3.14
CA SER C 234 17.38 8.76 4.18
C SER C 234 18.85 8.87 3.79
N ALA C 235 19.60 9.71 4.49
CA ALA C 235 21.02 9.88 4.26
C ALA C 235 21.68 10.44 5.51
N ALA C 236 23.00 10.39 5.53
CA ALA C 236 23.83 10.82 6.65
C ALA C 236 25.23 11.19 6.14
N THR C 237 25.91 12.06 6.86
CA THR C 237 27.32 12.40 6.61
C THR C 237 28.13 12.02 7.85
N GLY C 238 29.43 11.81 7.67
CA GLY C 238 30.33 11.59 8.78
C GLY C 238 31.37 12.70 8.85
N GLY C 239 32.65 12.31 8.84
CA GLY C 239 33.77 13.25 8.82
C GLY C 239 33.90 13.91 7.46
N LEU C 240 33.78 13.10 6.42
CA LEU C 240 33.67 13.60 5.06
C LEU C 240 32.19 13.76 4.80
N ALA C 241 31.84 14.75 3.99
CA ALA C 241 30.43 15.12 3.81
C ALA C 241 30.11 15.42 2.35
N ASP C 242 29.20 14.64 1.79
CA ASP C 242 28.64 14.89 0.47
C ASP C 242 27.29 15.58 0.65
N ASP C 243 26.83 16.29 -0.38
CA ASP C 243 25.44 16.66 -0.51
C ASP C 243 24.67 15.44 -1.03
N HIS C 244 23.62 15.04 -0.32
CA HIS C 244 22.75 13.96 -0.79
C HIS C 244 21.38 14.53 -1.14
N ASP C 245 21.08 14.57 -2.45
CA ASP C 245 19.83 15.12 -2.97
C ASP C 245 18.97 14.09 -3.70
N VAL C 246 17.67 14.07 -3.40
CA VAL C 246 16.72 13.26 -4.17
C VAL C 246 15.82 14.16 -5.03
N LEU C 247 15.79 13.85 -6.34
CA LEU C 247 15.02 14.66 -7.29
C LEU C 247 13.60 14.14 -7.45
N SER C 248 13.42 12.82 -7.30
CA SER C 248 12.09 12.23 -7.44
C SER C 248 12.04 10.83 -6.88
N PHE C 249 10.86 10.45 -6.41
CA PHE C 249 10.59 9.10 -5.93
C PHE C 249 9.24 8.75 -6.55
N LEU C 250 9.24 7.80 -7.48
CA LEU C 250 8.04 7.42 -8.22
C LEU C 250 7.67 5.97 -7.95
N THR C 251 6.45 5.77 -7.42
CA THR C 251 5.99 4.44 -7.05
C THR C 251 4.96 3.90 -8.04
N PHE C 252 5.09 2.61 -8.35
CA PHE C 252 4.16 1.92 -9.21
C PHE C 252 3.71 0.62 -8.59
N GLN C 253 2.45 0.26 -8.81
CA GLN C 253 1.92 -1.01 -8.33
C GLN C 253 1.91 -2.04 -9.47
N LEU C 254 2.41 -3.26 -9.19
CA LEU C 254 2.49 -4.31 -10.23
C LEU C 254 1.48 -5.48 -10.04
N THR C 255 0.79 -5.80 -11.16
CA THR C 255 -0.29 -6.77 -11.15
C THR C 255 0.03 -8.01 -12.01
N GLU C 256 -0.60 -9.14 -11.66
CA GLU C 256 -0.40 -10.46 -12.32
C GLU C 256 1.01 -10.98 -11.92
N HIS D 7 -28.68 -32.06 -1.92
CA HIS D 7 -27.57 -32.24 -2.91
C HIS D 7 -27.99 -31.83 -4.32
N HIS D 8 -27.04 -31.30 -5.09
CA HIS D 8 -27.24 -30.82 -6.47
C HIS D 8 -27.68 -29.35 -6.54
N HIS D 9 -26.95 -28.55 -7.30
CA HIS D 9 -27.09 -27.08 -7.31
C HIS D 9 -28.43 -26.59 -7.86
N HIS D 10 -28.93 -25.49 -7.31
CA HIS D 10 -30.22 -24.96 -7.73
C HIS D 10 -30.23 -24.42 -9.16
N SER D 11 -31.29 -24.76 -9.89
CA SER D 11 -31.37 -24.51 -11.33
C SER D 11 -32.51 -23.55 -11.70
N SER D 12 -33.56 -23.52 -10.88
CA SER D 12 -34.72 -22.66 -11.12
C SER D 12 -34.50 -21.25 -10.60
N GLY D 13 -33.55 -20.55 -11.22
CA GLY D 13 -33.16 -19.23 -10.82
C GLY D 13 -32.59 -18.45 -12.00
N LEU D 14 -32.97 -17.17 -12.09
CA LEU D 14 -32.44 -16.30 -13.12
C LEU D 14 -31.02 -15.85 -12.79
N VAL D 15 -30.36 -15.29 -13.78
CA VAL D 15 -29.02 -14.79 -13.58
C VAL D 15 -28.94 -13.52 -12.64
N PRO D 16 -29.90 -12.57 -12.69
CA PRO D 16 -29.94 -11.46 -11.72
C PRO D 16 -30.13 -11.92 -10.29
N ARG D 17 -30.96 -12.94 -10.08
CA ARG D 17 -31.15 -13.47 -8.73
C ARG D 17 -29.94 -14.29 -8.27
N GLY D 18 -29.26 -14.94 -9.22
CA GLY D 18 -27.99 -15.58 -8.96
C GLY D 18 -27.00 -14.57 -8.42
N SER D 19 -26.89 -13.44 -9.12
CA SER D 19 -26.07 -12.30 -8.71
C SER D 19 -26.50 -11.74 -7.35
N HIS D 20 -27.79 -11.46 -7.25
CA HIS D 20 -28.47 -11.00 -6.03
C HIS D 20 -28.13 -11.86 -4.80
N MET D 21 -28.10 -13.18 -4.98
CA MET D 21 -27.84 -14.10 -3.86
C MET D 21 -26.42 -14.70 -3.90
N ALA D 22 -25.47 -13.97 -4.50
CA ALA D 22 -24.09 -14.43 -4.69
C ALA D 22 -23.37 -14.85 -3.40
N GLY D 23 -23.39 -13.97 -2.40
CA GLY D 23 -22.75 -14.25 -1.11
C GLY D 23 -23.35 -15.42 -0.37
N THR D 24 -24.57 -15.80 -0.76
CA THR D 24 -25.28 -16.91 -0.14
C THR D 24 -25.00 -18.27 -0.84
N GLN D 25 -24.76 -18.23 -2.16
CA GLN D 25 -24.45 -19.46 -2.91
C GLN D 25 -23.01 -19.91 -2.73
N ALA D 26 -22.08 -18.96 -2.64
CA ALA D 26 -20.65 -19.24 -2.57
C ALA D 26 -20.19 -19.71 -1.18
N HIS D 30 -21.73 -29.60 2.23
CA HIS D 30 -22.32 -29.41 3.54
C HIS D 30 -23.50 -28.43 3.48
N ARG D 31 -23.21 -27.12 3.33
CA ARG D 31 -24.24 -26.09 3.27
C ARG D 31 -24.74 -25.88 1.83
N ARG D 32 -26.04 -26.05 1.61
CA ARG D 32 -26.63 -25.81 0.30
C ARG D 32 -27.80 -24.82 0.38
N PHE D 33 -27.64 -23.69 -0.32
CA PHE D 33 -28.61 -22.61 -0.26
C PHE D 33 -29.95 -22.98 -0.89
N GLU D 34 -31.02 -22.77 -0.13
CA GLU D 34 -32.37 -23.07 -0.58
C GLU D 34 -33.12 -21.81 -0.98
N TYR D 35 -32.75 -21.29 -2.14
CA TYR D 35 -33.35 -20.12 -2.77
C TYR D 35 -34.88 -20.01 -2.62
N LYS D 36 -35.59 -21.13 -2.78
CA LYS D 36 -37.07 -21.15 -2.77
C LYS D 36 -37.70 -21.02 -1.38
N TYR D 37 -36.89 -21.04 -0.34
CA TYR D 37 -37.38 -20.89 1.02
C TYR D 37 -36.73 -19.70 1.71
N SER D 38 -36.46 -18.66 0.93
CA SER D 38 -35.62 -17.56 1.36
C SER D 38 -36.15 -16.23 0.87
N PHE D 39 -35.77 -15.14 1.53
CA PHE D 39 -35.98 -13.79 1.00
C PHE D 39 -34.96 -12.83 1.58
N LYS D 40 -34.67 -11.74 0.87
CA LYS D 40 -33.80 -10.68 1.36
C LYS D 40 -33.88 -9.40 0.52
N GLY D 41 -33.41 -8.29 1.09
CA GLY D 41 -33.23 -7.05 0.35
C GLY D 41 -31.84 -7.04 -0.24
N PRO D 42 -31.56 -6.08 -1.14
CA PRO D 42 -32.53 -5.07 -1.59
C PRO D 42 -33.51 -5.62 -2.64
N HIS D 43 -34.56 -4.86 -2.96
CA HIS D 43 -35.65 -5.32 -3.81
C HIS D 43 -36.25 -6.63 -3.27
N LEU D 44 -36.54 -6.66 -1.97
CA LEU D 44 -37.12 -7.83 -1.30
C LEU D 44 -38.42 -8.26 -1.96
N VAL D 45 -39.16 -7.26 -2.44
CA VAL D 45 -40.53 -7.44 -2.88
C VAL D 45 -40.58 -7.23 -4.38
N GLN D 46 -41.57 -7.86 -5.02
CA GLN D 46 -41.77 -7.78 -6.47
C GLN D 46 -42.62 -6.58 -6.81
N SER D 47 -42.62 -6.20 -8.09
CA SER D 47 -43.39 -5.05 -8.57
C SER D 47 -44.90 -5.10 -8.29
N ASP D 48 -45.41 -6.28 -7.93
CA ASP D 48 -46.82 -6.43 -7.54
C ASP D 48 -47.02 -6.48 -6.02
N GLY D 49 -45.95 -6.26 -5.29
CA GLY D 49 -46.02 -6.15 -3.83
C GLY D 49 -45.85 -7.44 -3.05
N THR D 50 -45.63 -8.56 -3.75
CA THR D 50 -45.45 -9.84 -3.04
C THR D 50 -43.99 -10.22 -2.87
N VAL D 51 -43.74 -11.03 -1.84
CA VAL D 51 -42.44 -11.65 -1.63
C VAL D 51 -42.45 -12.97 -2.39
N PRO D 52 -41.55 -13.15 -3.33
CA PRO D 52 -41.48 -14.39 -4.10
C PRO D 52 -41.37 -15.58 -3.16
N PHE D 53 -42.21 -16.59 -3.37
CA PHE D 53 -42.18 -17.87 -2.66
C PHE D 53 -42.78 -17.81 -1.25
N TRP D 54 -43.25 -16.64 -0.82
CA TRP D 54 -43.79 -16.45 0.53
C TRP D 54 -45.16 -15.74 0.56
N ALA D 55 -46.02 -16.15 1.49
CA ALA D 55 -47.29 -15.49 1.74
C ALA D 55 -47.25 -14.71 3.08
N HIS D 56 -47.84 -13.51 3.08
CA HIS D 56 -47.92 -12.70 4.29
C HIS D 56 -49.38 -12.52 4.70
N ALA D 57 -49.61 -12.29 5.98
CA ALA D 57 -50.96 -12.17 6.53
C ALA D 57 -51.00 -11.19 7.71
N GLY D 58 -52.21 -10.84 8.13
CA GLY D 58 -52.39 -9.92 9.25
C GLY D 58 -51.96 -8.51 8.88
N ASN D 59 -51.27 -7.87 9.81
CA ASN D 59 -50.72 -6.53 9.65
C ASN D 59 -49.33 -6.47 8.99
N ALA D 60 -48.81 -7.61 8.51
CA ALA D 60 -47.50 -7.65 7.89
C ALA D 60 -47.48 -6.90 6.56
N ILE D 61 -46.50 -6.01 6.40
CA ILE D 61 -46.35 -5.26 5.15
C ILE D 61 -44.92 -5.37 4.61
N PRO D 62 -44.76 -6.07 3.49
CA PRO D 62 -43.44 -6.17 2.86
C PRO D 62 -43.11 -4.94 2.02
N SER D 63 -41.85 -4.56 1.99
CA SER D 63 -41.39 -3.49 1.10
C SER D 63 -40.03 -3.86 0.53
N ALA D 64 -39.39 -2.90 -0.15
CA ALA D 64 -38.12 -3.13 -0.82
C ALA D 64 -36.98 -3.59 0.11
N ASP D 65 -36.95 -3.07 1.33
CA ASP D 65 -35.83 -3.26 2.25
C ASP D 65 -36.10 -4.25 3.37
N GLN D 66 -37.37 -4.45 3.71
CA GLN D 66 -37.73 -5.29 4.85
C GLN D 66 -39.21 -5.67 4.81
N ILE D 67 -39.58 -6.61 5.66
CA ILE D 67 -40.98 -6.83 5.99
C ILE D 67 -41.23 -6.31 7.40
N ARG D 68 -42.11 -5.33 7.53
CA ARG D 68 -42.59 -4.90 8.83
C ARG D 68 -43.72 -5.85 9.22
N ILE D 69 -43.40 -6.85 10.06
CA ILE D 69 -44.39 -7.88 10.45
C ILE D 69 -45.48 -7.28 11.33
N ALA D 70 -45.06 -6.50 12.33
CA ALA D 70 -45.99 -5.84 13.22
C ALA D 70 -45.45 -4.47 13.55
N PRO D 71 -46.13 -3.42 13.09
CA PRO D 71 -45.70 -2.04 13.35
C PRO D 71 -46.03 -1.64 14.78
N SER D 72 -45.50 -0.51 15.22
CA SER D 72 -45.66 -0.06 16.60
C SER D 72 -47.03 0.53 16.88
N LEU D 73 -48.07 -0.15 16.44
CA LEU D 73 -49.42 0.18 16.88
C LEU D 73 -49.77 -0.91 17.90
N LYS D 74 -50.80 -0.68 18.69
CA LYS D 74 -51.23 -1.62 19.72
C LYS D 74 -52.05 -2.77 19.14
N SER D 75 -51.99 -3.92 19.82
CA SER D 75 -52.66 -5.16 19.41
C SER D 75 -52.61 -5.46 17.90
N GLN D 76 -51.39 -5.50 17.35
CA GLN D 76 -51.17 -5.90 15.96
C GLN D 76 -50.69 -7.33 15.90
N ARG D 77 -51.02 -8.01 14.80
CA ARG D 77 -50.57 -9.36 14.49
C ARG D 77 -50.19 -9.41 13.04
N GLY D 78 -49.07 -10.05 12.73
CA GLY D 78 -48.71 -10.34 11.36
C GLY D 78 -47.89 -11.61 11.26
N SER D 79 -47.76 -12.14 10.05
CA SER D 79 -46.95 -13.33 9.79
C SER D 79 -46.58 -13.46 8.32
N VAL D 80 -45.52 -14.25 8.07
CA VAL D 80 -44.98 -14.53 6.73
C VAL D 80 -44.64 -16.02 6.70
N TRP D 81 -45.12 -16.72 5.68
CA TRP D 81 -44.92 -18.18 5.58
C TRP D 81 -44.50 -18.62 4.18
N THR D 82 -43.65 -19.64 4.09
CA THR D 82 -43.33 -20.25 2.79
C THR D 82 -44.62 -20.81 2.18
N LYS D 83 -44.75 -20.66 0.86
CA LYS D 83 -45.93 -21.15 0.17
C LYS D 83 -46.00 -22.68 0.14
N THR D 84 -44.85 -23.35 0.15
CA THR D 84 -44.81 -24.82 0.20
C THR D 84 -43.94 -25.33 1.36
N LYS D 85 -44.07 -26.62 1.63
CA LYS D 85 -43.32 -27.31 2.68
C LYS D 85 -41.91 -27.65 2.20
N ALA D 86 -40.98 -27.68 3.16
CA ALA D 86 -39.63 -28.17 2.91
C ALA D 86 -39.53 -29.60 3.44
N ALA D 87 -38.75 -30.42 2.75
CA ALA D 87 -38.47 -31.78 3.19
C ALA D 87 -36.96 -31.97 3.30
N PHE D 88 -36.37 -31.42 4.36
CA PHE D 88 -34.94 -31.52 4.58
C PHE D 88 -34.67 -32.33 5.86
N GLU D 89 -33.78 -33.31 5.77
CA GLU D 89 -33.37 -34.07 6.94
C GLU D 89 -32.68 -33.15 7.94
N ASN D 90 -31.71 -32.38 7.44
CA ASN D 90 -30.97 -31.41 8.25
C ASN D 90 -31.01 -30.03 7.59
N TRP D 91 -31.18 -28.99 8.41
CA TRP D 91 -31.28 -27.62 7.89
C TRP D 91 -30.77 -26.53 8.83
N GLU D 92 -30.62 -25.34 8.27
CA GLU D 92 -30.16 -24.18 8.99
C GLU D 92 -30.81 -22.93 8.40
N VAL D 93 -31.45 -22.14 9.27
CA VAL D 93 -31.97 -20.83 8.87
C VAL D 93 -31.18 -19.70 9.50
N GLU D 94 -30.95 -18.64 8.74
CA GLU D 94 -30.33 -17.43 9.26
C GLU D 94 -31.27 -16.26 9.06
N VAL D 95 -31.84 -15.78 10.17
CA VAL D 95 -32.86 -14.75 10.16
C VAL D 95 -32.29 -13.44 10.74
N THR D 96 -32.42 -12.36 9.97
CA THR D 96 -31.91 -11.04 10.34
C THR D 96 -33.09 -10.11 10.62
N PHE D 97 -33.11 -9.50 11.81
CA PHE D 97 -34.26 -8.68 12.22
C PHE D 97 -33.94 -7.49 13.14
N ARG D 98 -34.95 -6.65 13.38
CA ARG D 98 -34.87 -5.52 14.31
C ARG D 98 -36.16 -5.46 15.10
N VAL D 99 -36.04 -5.23 16.40
CA VAL D 99 -37.18 -4.93 17.25
C VAL D 99 -36.91 -3.58 17.90
N THR D 100 -37.73 -2.59 17.56
CA THR D 100 -37.44 -1.20 17.91
C THR D 100 -38.63 -0.56 18.55
N GLY D 101 -38.40 0.07 19.70
CA GLY D 101 -39.46 0.76 20.40
C GLY D 101 -38.92 1.88 21.26
N ARG D 102 -39.77 2.86 21.55
CA ARG D 102 -39.41 3.91 22.48
C ARG D 102 -39.42 3.27 23.86
N GLY D 103 -38.42 3.58 24.67
CA GLY D 103 -38.41 3.02 26.01
C GLY D 103 -37.83 1.62 26.16
N ARG D 104 -37.41 1.37 27.39
CA ARG D 104 -36.63 0.20 27.76
C ARG D 104 -37.45 -1.10 27.82
N ILE D 105 -38.78 -0.99 27.83
CA ILE D 105 -39.70 -2.13 27.83
C ILE D 105 -40.61 -2.10 26.60
N GLY D 106 -40.78 -3.27 25.97
CA GLY D 106 -41.60 -3.42 24.78
C GLY D 106 -42.34 -4.76 24.74
N ALA D 107 -43.19 -4.93 23.73
CA ALA D 107 -44.09 -6.11 23.64
C ALA D 107 -44.52 -6.32 22.16
N ASP D 108 -44.95 -7.52 21.78
CA ASP D 108 -44.91 -8.74 22.59
C ASP D 108 -43.67 -9.52 22.25
N GLY D 109 -43.36 -9.55 20.96
CA GLY D 109 -42.19 -10.25 20.46
C GLY D 109 -42.40 -10.89 19.10
N LEU D 110 -41.41 -11.70 18.72
CA LEU D 110 -41.32 -12.28 17.39
C LEU D 110 -41.11 -13.76 17.55
N ALA D 111 -41.58 -14.55 16.59
CA ALA D 111 -41.40 -16.02 16.58
C ALA D 111 -40.91 -16.56 15.24
N ILE D 112 -39.97 -17.51 15.29
CA ILE D 112 -39.53 -18.26 14.12
C ILE D 112 -40.05 -19.69 14.20
N TRP D 113 -40.60 -20.20 13.09
CA TRP D 113 -41.37 -21.45 13.09
C TRP D 113 -40.89 -22.46 12.05
N TYR D 114 -40.91 -23.73 12.45
CA TYR D 114 -40.94 -24.84 11.49
C TYR D 114 -42.08 -25.77 11.90
N THR D 115 -43.20 -25.64 11.19
CA THR D 115 -44.40 -26.40 11.53
C THR D 115 -45.03 -27.04 10.31
N GLU D 116 -45.83 -28.06 10.57
CA GLU D 116 -46.48 -28.86 9.55
C GLU D 116 -47.48 -28.07 8.69
N ASN D 117 -48.27 -27.19 9.31
CA ASN D 117 -49.16 -26.26 8.58
C ASN D 117 -48.67 -24.82 8.65
N GLN D 118 -49.27 -23.95 7.82
CA GLN D 118 -49.09 -22.51 7.90
C GLN D 118 -49.92 -21.90 9.04
N GLY D 119 -49.26 -21.21 9.97
CA GLY D 119 -49.96 -20.50 11.02
C GLY D 119 -50.21 -19.05 10.65
N LEU D 120 -51.16 -18.82 9.74
CA LEU D 120 -51.41 -17.49 9.20
C LEU D 120 -51.75 -16.46 10.27
N ASP D 121 -52.80 -16.74 11.04
CA ASP D 121 -53.22 -15.84 12.10
C ASP D 121 -53.50 -16.61 13.39
N GLY D 122 -53.15 -16.01 14.52
CA GLY D 122 -53.50 -16.61 15.79
C GLY D 122 -52.95 -15.82 16.95
N PRO D 123 -53.22 -16.30 18.16
CA PRO D 123 -52.82 -15.60 19.39
C PRO D 123 -51.39 -15.86 19.84
N VAL D 124 -50.62 -16.65 19.08
CA VAL D 124 -49.25 -16.97 19.49
C VAL D 124 -48.24 -16.19 18.66
N PHE D 125 -47.84 -15.03 19.18
CA PHE D 125 -46.94 -14.08 18.51
C PHE D 125 -47.39 -13.87 17.05
N GLY D 126 -48.70 -13.81 16.87
CA GLY D 126 -49.29 -13.54 15.57
C GLY D 126 -49.65 -14.76 14.76
N SER D 127 -49.34 -15.95 15.28
CA SER D 127 -49.55 -17.19 14.56
C SER D 127 -50.42 -18.20 15.33
N ALA D 128 -50.78 -19.30 14.69
CA ALA D 128 -51.74 -20.27 15.24
C ALA D 128 -51.24 -21.02 16.46
N ASP D 129 -52.16 -21.23 17.41
CA ASP D 129 -51.93 -22.09 18.58
C ASP D 129 -52.01 -23.55 18.18
N MET D 130 -51.61 -24.43 19.09
CA MET D 130 -51.71 -25.88 18.90
C MET D 130 -51.05 -26.35 17.60
N TRP D 131 -49.83 -25.87 17.37
CA TRP D 131 -49.07 -26.17 16.16
C TRP D 131 -48.37 -27.54 16.27
N ASN D 132 -47.98 -28.09 15.12
CA ASN D 132 -47.19 -29.30 15.09
C ASN D 132 -45.76 -29.04 14.59
N GLY D 133 -44.83 -28.92 15.54
CA GLY D 133 -43.44 -28.61 15.24
C GLY D 133 -42.79 -27.73 16.28
N VAL D 134 -41.96 -26.78 15.83
CA VAL D 134 -41.14 -25.97 16.74
C VAL D 134 -41.25 -24.45 16.53
N GLY D 135 -41.44 -23.74 17.64
CA GLY D 135 -41.37 -22.30 17.64
C GLY D 135 -40.20 -21.84 18.50
N ILE D 136 -39.44 -20.88 17.98
CA ILE D 136 -38.41 -20.20 18.76
C ILE D 136 -38.92 -18.79 19.03
N PHE D 137 -39.19 -18.51 20.31
CA PHE D 137 -39.90 -17.30 20.72
C PHE D 137 -38.96 -16.25 21.27
N PHE D 138 -38.92 -15.10 20.61
CA PHE D 138 -38.18 -13.95 21.08
C PHE D 138 -39.15 -13.08 21.85
N ASP D 139 -39.30 -13.39 23.13
CA ASP D 139 -40.36 -12.83 23.96
C ASP D 139 -39.85 -11.63 24.71
N SER D 140 -40.32 -10.44 24.34
CA SER D 140 -39.79 -9.24 24.96
C SER D 140 -40.45 -8.86 26.29
N PHE D 141 -41.70 -9.29 26.50
CA PHE D 141 -42.46 -8.86 27.66
C PHE D 141 -42.62 -9.91 28.76
N ASP D 142 -42.37 -9.48 29.99
CA ASP D 142 -42.32 -10.36 31.17
C ASP D 142 -43.72 -10.55 31.79
N ASN D 143 -44.48 -11.48 31.23
CA ASN D 143 -45.86 -11.69 31.62
C ASN D 143 -46.03 -12.34 33.01
N ASP D 144 -45.01 -13.09 33.46
CA ASP D 144 -45.07 -13.70 34.81
C ASP D 144 -44.41 -12.90 35.92
N GLY D 145 -43.82 -11.75 35.60
CA GLY D 145 -43.20 -10.90 36.62
C GLY D 145 -41.94 -11.47 37.28
N LYS D 146 -41.27 -12.40 36.60
CA LYS D 146 -40.05 -13.01 37.12
C LYS D 146 -38.75 -12.25 36.73
N LYS D 147 -38.90 -11.10 36.09
CA LYS D 147 -37.79 -10.18 35.80
C LYS D 147 -36.71 -10.85 34.96
N ASN D 148 -37.14 -11.60 33.95
CA ASN D 148 -36.24 -12.38 33.11
C ASN D 148 -36.57 -12.29 31.62
N ASN D 149 -36.90 -11.09 31.17
CA ASN D 149 -37.09 -10.79 29.74
C ASN D 149 -36.25 -9.57 29.37
N PRO D 150 -35.97 -9.36 28.09
CA PRO D 150 -36.33 -10.27 26.99
C PRO D 150 -35.69 -11.67 27.07
N ALA D 151 -36.38 -12.67 26.55
CA ALA D 151 -35.86 -14.04 26.58
C ALA D 151 -36.09 -14.77 25.27
N ILE D 152 -35.24 -15.75 24.99
CA ILE D 152 -35.44 -16.61 23.84
C ILE D 152 -35.80 -18.00 24.33
N VAL D 153 -36.96 -18.50 23.91
CA VAL D 153 -37.46 -19.78 24.42
C VAL D 153 -37.89 -20.73 23.29
N VAL D 154 -37.44 -21.98 23.39
CA VAL D 154 -37.75 -23.00 22.40
C VAL D 154 -38.92 -23.85 22.85
N VAL D 155 -40.00 -23.81 22.08
CA VAL D 155 -41.22 -24.56 22.42
C VAL D 155 -41.62 -25.57 21.34
N GLY D 156 -41.58 -26.85 21.69
CA GLY D 156 -42.04 -27.91 20.82
C GLY D 156 -43.52 -28.14 21.05
N ASN D 157 -44.19 -28.66 20.04
CA ASN D 157 -45.63 -28.92 20.11
C ASN D 157 -46.00 -30.03 19.11
N ASN D 158 -47.03 -30.78 19.45
CA ASN D 158 -47.52 -31.85 18.58
C ASN D 158 -49.00 -31.71 18.25
N GLY D 159 -49.53 -30.50 18.39
CA GLY D 159 -50.93 -30.22 18.14
C GLY D 159 -51.83 -30.30 19.36
N GLN D 160 -51.25 -30.62 20.52
CA GLN D 160 -52.01 -30.81 21.74
C GLN D 160 -52.01 -29.62 22.71
N ILE D 161 -50.91 -28.87 22.72
CA ILE D 161 -50.66 -27.86 23.76
C ILE D 161 -51.15 -26.46 23.38
N ASN D 162 -51.81 -25.80 24.33
CA ASN D 162 -52.06 -24.38 24.24
C ASN D 162 -50.92 -23.61 24.90
N TYR D 163 -50.28 -22.75 24.12
CA TYR D 163 -49.16 -21.93 24.61
C TYR D 163 -49.55 -21.11 25.84
N ASP D 164 -48.76 -21.26 26.90
CA ASP D 164 -48.97 -20.53 28.14
C ASP D 164 -48.34 -19.12 28.09
N HIS D 165 -49.10 -18.17 27.53
CA HIS D 165 -48.67 -16.78 27.35
C HIS D 165 -48.35 -16.10 28.68
N GLN D 166 -49.13 -16.42 29.70
CA GLN D 166 -49.01 -15.76 31.00
C GLN D 166 -47.75 -16.13 31.78
N ASN D 167 -47.18 -17.30 31.48
CA ASN D 167 -45.92 -17.70 32.10
C ASN D 167 -44.72 -17.58 31.16
N ASP D 168 -44.91 -16.89 30.04
CA ASP D 168 -43.88 -16.76 29.01
C ASP D 168 -43.41 -18.13 28.51
N GLY D 169 -44.35 -19.07 28.48
CA GLY D 169 -44.08 -20.45 28.09
C GLY D 169 -43.06 -21.22 28.91
N ALA D 170 -42.75 -20.74 30.12
CA ALA D 170 -41.71 -21.32 30.97
C ALA D 170 -41.97 -22.77 31.35
N THR D 171 -43.23 -23.13 31.49
CA THR D 171 -43.62 -24.48 31.91
C THR D 171 -43.59 -25.47 30.74
N GLN D 172 -43.49 -24.93 29.53
CA GLN D 172 -43.56 -25.74 28.30
C GLN D 172 -42.26 -25.71 27.50
N ALA D 173 -41.31 -24.89 27.93
CA ALA D 173 -40.06 -24.65 27.20
C ALA D 173 -39.10 -25.84 27.27
N LEU D 174 -38.56 -26.22 26.12
CA LEU D 174 -37.53 -27.26 26.06
C LEU D 174 -36.15 -26.68 26.38
N ALA D 175 -35.93 -25.43 25.98
CA ALA D 175 -34.69 -24.71 26.28
C ALA D 175 -34.94 -23.20 26.18
N SER D 176 -34.08 -22.42 26.81
CA SER D 176 -34.24 -20.97 26.83
C SER D 176 -32.96 -20.23 27.21
N CYS D 177 -32.89 -18.95 26.83
CA CYS D 177 -31.80 -18.07 27.26
C CYS D 177 -32.28 -16.63 27.36
N GLN D 178 -31.66 -15.87 28.26
CA GLN D 178 -31.95 -14.45 28.41
C GLN D 178 -31.00 -13.59 27.57
N ARG D 179 -31.54 -12.95 26.52
CA ARG D 179 -30.79 -12.04 25.66
C ARG D 179 -31.65 -10.86 25.27
N ASP D 180 -31.11 -9.65 25.40
CA ASP D 180 -31.84 -8.45 25.01
C ASP D 180 -31.62 -8.22 23.52
N PHE D 181 -32.66 -8.46 22.72
CA PHE D 181 -32.57 -8.29 21.28
C PHE D 181 -33.20 -6.98 20.81
N ARG D 182 -33.56 -6.09 21.74
CA ARG D 182 -34.28 -4.86 21.41
C ARG D 182 -33.34 -3.65 21.28
N ASN D 183 -33.68 -2.74 20.36
CA ASN D 183 -33.04 -1.42 20.27
C ASN D 183 -31.51 -1.46 20.11
N LYS D 184 -31.05 -2.27 19.16
CA LYS D 184 -29.63 -2.51 18.98
C LYS D 184 -29.10 -1.67 17.83
N PRO D 185 -27.85 -1.22 17.91
CA PRO D 185 -27.26 -0.39 16.84
C PRO D 185 -27.32 -1.06 15.47
N TYR D 186 -27.06 -2.36 15.41
CA TYR D 186 -27.04 -3.10 14.16
C TYR D 186 -28.11 -4.17 14.23
N PRO D 187 -28.54 -4.69 13.09
CA PRO D 187 -29.57 -5.75 13.07
C PRO D 187 -29.15 -6.98 13.87
N VAL D 188 -30.10 -7.60 14.58
CA VAL D 188 -29.88 -8.83 15.34
C VAL D 188 -30.01 -10.02 14.39
N ARG D 189 -29.24 -11.08 14.63
CA ARG D 189 -29.31 -12.27 13.80
C ARG D 189 -29.49 -13.52 14.63
N ALA D 190 -30.41 -14.40 14.21
CA ALA D 190 -30.54 -15.71 14.83
C ALA D 190 -30.21 -16.82 13.84
N LYS D 191 -29.33 -17.73 14.25
CA LYS D 191 -29.06 -18.92 13.45
C LYS D 191 -29.62 -20.15 14.14
N ILE D 192 -30.53 -20.83 13.45
CA ILE D 192 -31.21 -22.01 13.97
C ILE D 192 -30.87 -23.22 13.10
N THR D 193 -30.27 -24.21 13.74
CA THR D 193 -29.74 -25.40 13.08
C THR D 193 -30.46 -26.64 13.57
N TYR D 194 -30.97 -27.43 12.62
CA TYR D 194 -31.43 -28.78 12.94
C TYR D 194 -30.51 -29.78 12.27
N TYR D 195 -29.73 -30.48 13.08
CA TYR D 195 -28.69 -31.36 12.56
C TYR D 195 -28.51 -32.61 13.41
N GLN D 196 -28.63 -33.77 12.77
CA GLN D 196 -28.56 -35.07 13.44
C GLN D 196 -29.35 -35.07 14.75
N LYS D 197 -30.63 -34.69 14.62
CA LYS D 197 -31.60 -34.68 15.72
C LYS D 197 -31.40 -33.55 16.76
N THR D 198 -30.39 -32.70 16.55
CA THR D 198 -30.10 -31.62 17.50
C THR D 198 -30.52 -30.23 16.99
N LEU D 199 -31.31 -29.51 17.80
CA LEU D 199 -31.67 -28.12 17.48
C LEU D 199 -30.83 -27.12 18.27
N THR D 200 -30.15 -26.23 17.53
CA THR D 200 -29.24 -25.26 18.11
C THR D 200 -29.64 -23.82 17.76
N VAL D 201 -29.64 -22.94 18.76
CA VAL D 201 -29.89 -21.51 18.55
C VAL D 201 -28.63 -20.70 18.88
N MET D 202 -28.15 -19.93 17.90
CA MET D 202 -27.04 -18.99 18.10
C MET D 202 -27.54 -17.59 17.79
N ILE D 203 -27.09 -16.61 18.58
CA ILE D 203 -27.53 -15.24 18.38
C ILE D 203 -26.37 -14.30 18.13
N ASN D 204 -26.48 -13.48 17.09
CA ASN D 204 -25.63 -12.31 16.90
C ASN D 204 -26.42 -11.11 17.41
N ASN D 205 -26.00 -10.55 18.55
CA ASN D 205 -26.78 -9.56 19.28
C ASN D 205 -26.79 -8.13 18.70
N GLY D 206 -26.06 -7.91 17.60
CA GLY D 206 -26.10 -6.63 16.91
C GLY D 206 -25.37 -5.47 17.55
N PHE D 207 -24.31 -5.76 18.31
CA PHE D 207 -23.43 -4.72 18.83
C PHE D 207 -22.32 -4.35 17.85
N THR D 208 -22.06 -5.25 16.90
CA THR D 208 -20.89 -5.19 16.04
C THR D 208 -21.32 -5.15 14.57
N PRO D 209 -20.50 -4.53 13.70
CA PRO D 209 -20.72 -4.61 12.25
C PRO D 209 -20.52 -6.02 11.67
N ASP D 210 -19.84 -6.91 12.40
CA ASP D 210 -19.56 -8.27 11.95
C ASP D 210 -20.80 -9.16 11.96
N LYS D 211 -21.17 -9.67 10.78
CA LYS D 211 -22.39 -10.47 10.62
C LYS D 211 -22.28 -11.93 11.10
N ASN D 212 -21.06 -12.38 11.38
CA ASN D 212 -20.82 -13.76 11.81
C ASN D 212 -20.40 -13.89 13.27
N ASP D 213 -20.63 -12.84 14.05
CA ASP D 213 -20.32 -12.83 15.48
C ASP D 213 -21.47 -13.48 16.28
N TYR D 214 -21.57 -14.80 16.16
CA TYR D 214 -22.64 -15.57 16.81
C TYR D 214 -22.19 -16.08 18.17
N GLU D 215 -23.09 -16.01 19.15
CA GLU D 215 -22.86 -16.58 20.47
C GLU D 215 -23.93 -17.62 20.79
N PHE D 216 -23.53 -18.71 21.42
CA PHE D 216 -24.44 -19.82 21.76
C PHE D 216 -25.56 -19.31 22.66
N CYS D 217 -26.79 -19.75 22.38
CA CYS D 217 -27.93 -19.39 23.22
C CYS D 217 -28.58 -20.62 23.88
N ALA D 218 -29.04 -21.57 23.07
CA ALA D 218 -29.71 -22.77 23.58
C ALA D 218 -29.57 -23.97 22.64
N LYS D 219 -29.82 -25.16 23.18
CA LYS D 219 -29.72 -26.40 22.43
C LYS D 219 -30.72 -27.43 22.95
N VAL D 220 -31.38 -28.14 22.04
CA VAL D 220 -32.21 -29.29 22.40
C VAL D 220 -31.71 -30.53 21.67
N GLU D 221 -31.13 -31.47 22.42
CA GLU D 221 -30.61 -32.71 21.88
C GLU D 221 -31.74 -33.69 21.62
N ASN D 222 -31.61 -34.46 20.55
CA ASN D 222 -32.53 -35.52 20.16
C ASN D 222 -34.02 -35.10 20.08
N MET D 223 -34.24 -33.90 19.54
CA MET D 223 -35.60 -33.40 19.36
C MET D 223 -36.23 -33.97 18.10
N VAL D 224 -37.50 -34.36 18.19
CA VAL D 224 -38.24 -34.78 17.00
C VAL D 224 -39.16 -33.67 16.49
N ILE D 225 -39.20 -33.54 15.17
CA ILE D 225 -40.00 -32.55 14.47
C ILE D 225 -40.57 -33.23 13.22
N PRO D 226 -41.65 -32.70 12.64
CA PRO D 226 -42.27 -33.32 11.45
C PRO D 226 -41.29 -33.43 10.28
N THR D 227 -41.48 -34.44 9.43
CA THR D 227 -40.59 -34.68 8.30
C THR D 227 -40.75 -33.64 7.20
N GLN D 228 -41.90 -32.98 7.18
CA GLN D 228 -42.19 -31.92 6.24
C GLN D 228 -42.87 -30.78 6.96
N GLY D 229 -42.47 -29.55 6.64
CA GLY D 229 -43.10 -28.38 7.22
C GLY D 229 -42.82 -27.08 6.50
N HIS D 230 -43.58 -26.05 6.86
CA HIS D 230 -43.35 -24.70 6.40
C HIS D 230 -42.43 -24.00 7.36
N PHE D 231 -41.61 -23.10 6.83
CA PHE D 231 -40.90 -22.13 7.65
C PHE D 231 -41.76 -20.89 7.71
N GLY D 232 -41.66 -20.17 8.83
CA GLY D 232 -42.49 -19.00 9.08
C GLY D 232 -41.88 -18.03 10.07
N ILE D 233 -42.34 -16.79 10.01
CA ILE D 233 -41.98 -15.80 11.01
C ILE D 233 -43.17 -14.89 11.28
N SER D 234 -43.38 -14.56 12.55
CA SER D 234 -44.55 -13.80 12.98
C SER D 234 -44.22 -12.88 14.15
N ALA D 235 -45.12 -11.94 14.42
CA ALA D 235 -44.92 -11.01 15.52
C ALA D 235 -46.25 -10.43 15.94
N ALA D 236 -46.28 -9.83 17.13
CA ALA D 236 -47.47 -9.20 17.67
C ALA D 236 -47.04 -8.07 18.61
N THR D 237 -47.96 -7.12 18.81
CA THR D 237 -47.83 -6.10 19.85
C THR D 237 -48.96 -6.25 20.85
N GLY D 238 -48.77 -5.69 22.05
CA GLY D 238 -49.82 -5.58 23.03
C GLY D 238 -50.05 -4.13 23.36
N GLY D 239 -50.02 -3.81 24.66
CA GLY D 239 -50.23 -2.46 25.16
C GLY D 239 -49.06 -1.61 24.75
N LEU D 240 -47.87 -2.15 25.00
CA LEU D 240 -46.64 -1.54 24.51
C LEU D 240 -46.43 -2.11 23.12
N ALA D 241 -45.77 -1.35 22.25
CA ALA D 241 -45.68 -1.71 20.85
C ALA D 241 -44.32 -1.35 20.29
N ASP D 242 -43.59 -2.37 19.87
CA ASP D 242 -42.37 -2.21 19.11
C ASP D 242 -42.66 -2.41 17.62
N ASP D 243 -41.81 -1.85 16.77
CA ASP D 243 -41.76 -2.22 15.37
C ASP D 243 -40.98 -3.51 15.29
N HIS D 244 -41.57 -4.54 14.67
CA HIS D 244 -40.88 -5.81 14.44
C HIS D 244 -40.66 -5.99 12.95
N ASP D 245 -39.40 -5.88 12.54
CA ASP D 245 -39.01 -5.96 11.12
C ASP D 245 -38.06 -7.12 10.87
N VAL D 246 -38.28 -7.85 9.79
CA VAL D 246 -37.33 -8.87 9.33
C VAL D 246 -36.67 -8.43 8.00
N LEU D 247 -35.34 -8.41 7.98
CA LEU D 247 -34.58 -7.97 6.82
C LEU D 247 -34.30 -9.11 5.84
N SER D 248 -34.12 -10.32 6.37
CA SER D 248 -33.85 -11.49 5.54
C SER D 248 -34.12 -12.80 6.29
N PHE D 249 -34.45 -13.84 5.52
CA PHE D 249 -34.65 -15.18 6.03
C PHE D 249 -33.98 -16.09 5.02
N LEU D 250 -32.85 -16.69 5.42
CA LEU D 250 -32.03 -17.46 4.50
C LEU D 250 -31.96 -18.93 4.94
N THR D 251 -32.47 -19.81 4.09
CA THR D 251 -32.51 -21.24 4.39
C THR D 251 -31.41 -22.02 3.70
N PHE D 252 -30.83 -22.98 4.43
CA PHE D 252 -29.81 -23.86 3.91
C PHE D 252 -30.16 -25.31 4.21
N GLN D 253 -29.93 -26.17 3.22
CA GLN D 253 -30.04 -27.60 3.36
C GLN D 253 -28.68 -28.14 3.80
N LEU D 254 -28.70 -29.07 4.77
CA LEU D 254 -27.47 -29.68 5.29
C LEU D 254 -27.41 -31.16 4.93
N THR D 255 -26.26 -31.62 4.43
CA THR D 255 -26.07 -33.03 4.04
C THR D 255 -24.94 -33.74 4.81
N GLU D 256 -24.97 -35.08 4.74
CA GLU D 256 -24.07 -36.00 5.48
C GLU D 256 -24.34 -35.92 6.99
#